data_8T7Q
#
_entry.id   8T7Q
#
_cell.length_a   45.788
_cell.length_b   212.884
_cell.length_c   55.736
_cell.angle_alpha   90.000
_cell.angle_beta   96.310
_cell.angle_gamma   90.000
#
_symmetry.space_group_name_H-M   'P 1 21 1'
#
loop_
_entity.id
_entity.type
_entity.pdbx_description
1 polymer 'Tyrosine-protein phosphatase non-receptor type 11'
2 non-polymer 1-{3-[(2-chlorophenyl)sulfanyl]-1H-pyrazolo[3,4-b]pyrazin-6-yl}-4-methylpiperidin-4-amine
3 water water
#
_entity_poly.entity_id   1
_entity_poly.type   'polypeptide(L)'
_entity_poly.pdbx_seq_one_letter_code
;SMTSRRWFHPNITGVEAENLLLTRGVDGSFLARPSKSNPGDFTLSVRRNGAVTHIKIQNTGDYYDLYGGEKFATLAELVQ
YYMEHHGQLKEKNGDVIELKYPLNCADPTSERWFHGHLSGKEAEKLLTEKGKHGSFLVRESQSHPGDFVLSVRTGDDKGE
SNDGKSKVTHVMIRCQELKYDVGGGERFDSLTDLVEHYKKNPMVETLGTVLQLKQPLNTTRINAAEIESRVRELSKLAET
TDKVKQGFWEEFETLQQQECKLLYSRKEGQRQENKNKNRYKNILPFDHTRVVLHDGDPNEPVSDYINANIIMPEFETKCN
NSKPKKSYIATQGCLQNTVNDFWRMVFQENSRVIVMTTKEVERGKSKCVKYWPDEYALKEYGVMRVRNVKESAAHDYTLR
ELKLSKVGQGNTERTVWQYHFRTWPDHGVPSDPGGVLDFLEEVHHKQESIMDAGPVVVHCSAGIGRTGTFIVIDILIDII
REKGVDCDIDVPKTIQMVRSQRSGMVQTEAQYRFIYMAVQHYIETL
;
_entity_poly.pdbx_strand_id   A,B
#
loop_
_chem_comp.id
_chem_comp.type
_chem_comp.name
_chem_comp.formula
ZH5 non-polymer 1-{3-[(2-chlorophenyl)sulfanyl]-1H-pyrazolo[3,4-b]pyrazin-6-yl}-4-methylpiperidin-4-amine 'C17 H19 Cl N6 S'
#
# COMPACT_ATOMS: atom_id res chain seq x y z
N SER A 4 -31.03 -23.80 -11.39
CA SER A 4 -31.90 -23.18 -12.37
C SER A 4 -31.80 -21.61 -12.38
N ARG A 5 -31.52 -21.06 -11.20
CA ARG A 5 -31.35 -19.61 -10.98
C ARG A 5 -32.62 -18.82 -11.27
N ARG A 6 -33.78 -19.44 -11.19
CA ARG A 6 -34.99 -18.71 -11.53
C ARG A 6 -35.41 -17.71 -10.47
N TRP A 7 -34.84 -17.78 -9.24
CA TRP A 7 -35.09 -16.82 -8.18
C TRP A 7 -34.54 -15.43 -8.48
N PHE A 8 -33.95 -15.21 -9.67
CA PHE A 8 -33.44 -13.90 -10.08
C PHE A 8 -34.37 -13.33 -11.13
N HIS A 9 -34.89 -12.13 -10.85
CA HIS A 9 -35.80 -11.41 -11.74
C HIS A 9 -35.07 -10.19 -12.30
N PRO A 10 -34.63 -10.20 -13.56
CA PRO A 10 -33.75 -9.11 -14.01
C PRO A 10 -34.42 -7.75 -14.08
N ASN A 11 -35.73 -7.66 -14.19
CA ASN A 11 -36.37 -6.37 -14.39
C ASN A 11 -37.70 -6.27 -13.65
N ILE A 12 -37.63 -6.34 -12.33
CA ILE A 12 -38.77 -6.00 -11.49
C ILE A 12 -38.35 -4.85 -10.59
N THR A 13 -39.35 -4.18 -10.02
CA THR A 13 -39.13 -3.12 -9.04
C THR A 13 -39.28 -3.66 -7.63
N GLY A 14 -38.80 -2.87 -6.67
CA GLY A 14 -38.97 -3.24 -5.28
C GLY A 14 -40.41 -3.55 -4.95
N VAL A 15 -41.33 -2.66 -5.33
CA VAL A 15 -42.73 -2.86 -4.99
C VAL A 15 -43.28 -4.08 -5.70
N GLU A 16 -42.87 -4.29 -6.96
CA GLU A 16 -43.26 -5.51 -7.65
C GLU A 16 -42.71 -6.75 -6.95
N ALA A 17 -41.53 -6.64 -6.33
CA ALA A 17 -40.99 -7.77 -5.59
C ALA A 17 -41.78 -8.04 -4.31
N GLU A 18 -42.15 -6.99 -3.58
CA GLU A 18 -42.98 -7.20 -2.40
C GLU A 18 -44.31 -7.81 -2.79
N ASN A 19 -44.94 -7.26 -3.83
CA ASN A 19 -46.21 -7.79 -4.28
C ASN A 19 -46.10 -9.27 -4.63
N LEU A 20 -45.03 -9.62 -5.36
CA LEU A 20 -44.85 -11.00 -5.78
C LEU A 20 -44.70 -11.93 -4.58
N LEU A 21 -43.94 -11.50 -3.58
CA LEU A 21 -43.71 -12.33 -2.41
C LEU A 21 -44.93 -12.41 -1.50
N LEU A 22 -45.77 -11.36 -1.45
CA LEU A 22 -46.88 -11.34 -0.51
C LEU A 22 -48.10 -12.04 -1.09
N THR A 23 -48.21 -12.07 -2.41
CA THR A 23 -49.39 -12.63 -3.05
C THR A 23 -49.15 -13.98 -3.69
N ARG A 24 -47.92 -14.31 -4.10
CA ARG A 24 -47.59 -15.62 -4.66
C ARG A 24 -46.56 -16.40 -3.85
N GLY A 25 -45.92 -15.80 -2.86
CA GLY A 25 -45.03 -16.51 -1.98
C GLY A 25 -45.68 -16.77 -0.63
N VAL A 26 -44.90 -17.47 0.21
CA VAL A 26 -45.22 -17.74 1.60
C VAL A 26 -43.98 -17.37 2.42
N ASP A 27 -44.09 -17.50 3.74
CA ASP A 27 -42.92 -17.27 4.58
C ASP A 27 -41.82 -18.24 4.19
N GLY A 28 -40.61 -17.70 3.99
CA GLY A 28 -39.48 -18.46 3.45
C GLY A 28 -39.21 -18.18 1.98
N SER A 29 -40.14 -17.53 1.30
CA SER A 29 -40.01 -17.25 -0.12
C SER A 29 -39.05 -16.08 -0.33
N PHE A 30 -38.27 -16.14 -1.41
CA PHE A 30 -37.20 -15.15 -1.60
C PHE A 30 -36.93 -14.98 -3.08
N LEU A 31 -36.30 -13.85 -3.40
CA LEU A 31 -35.86 -13.63 -4.76
C LEU A 31 -34.76 -12.57 -4.70
N ALA A 32 -34.00 -12.49 -5.79
CA ALA A 32 -32.92 -11.53 -5.94
C ALA A 32 -33.23 -10.70 -7.17
N ARG A 33 -32.69 -9.49 -7.23
CA ARG A 33 -33.08 -8.52 -8.25
C ARG A 33 -32.02 -7.44 -8.32
N PRO A 34 -31.84 -6.81 -9.47
CA PRO A 34 -30.88 -5.71 -9.57
C PRO A 34 -31.54 -4.39 -9.20
N SER A 35 -30.72 -3.42 -8.83
CA SER A 35 -31.25 -2.07 -8.61
C SER A 35 -31.48 -1.32 -9.94
N GLY A 40 -24.41 -1.25 -10.17
CA GLY A 40 -23.90 -2.58 -9.84
C GLY A 40 -24.28 -3.06 -8.45
N ASP A 41 -25.54 -2.89 -8.07
CA ASP A 41 -25.99 -3.36 -6.77
C ASP A 41 -27.24 -4.21 -6.94
N PHE A 42 -27.47 -5.09 -5.97
CA PHE A 42 -28.53 -6.07 -6.04
C PHE A 42 -29.22 -6.17 -4.69
N THR A 43 -30.40 -6.77 -4.68
CA THR A 43 -31.15 -6.93 -3.44
C THR A 43 -31.65 -8.36 -3.32
N LEU A 44 -31.53 -8.92 -2.13
CA LEU A 44 -32.21 -10.15 -1.77
C LEU A 44 -33.53 -9.80 -1.07
N SER A 45 -34.68 -10.16 -1.67
CA SER A 45 -35.99 -9.87 -1.07
C SER A 45 -36.57 -11.15 -0.47
N VAL A 46 -36.90 -11.13 0.83
CA VAL A 46 -37.28 -12.34 1.58
C VAL A 46 -38.52 -12.05 2.42
N ARG A 47 -39.52 -12.92 2.29
CA ARG A 47 -40.69 -12.90 3.15
C ARG A 47 -40.46 -13.65 4.46
N ARG A 48 -40.73 -13.00 5.59
CA ARG A 48 -40.63 -13.66 6.88
C ARG A 48 -41.68 -13.10 7.83
N ASN A 49 -42.52 -13.97 8.41
CA ASN A 49 -43.59 -13.54 9.32
C ASN A 49 -44.57 -12.57 8.64
N GLY A 50 -44.95 -12.87 7.41
CA GLY A 50 -45.87 -12.02 6.69
C GLY A 50 -45.33 -10.67 6.26
N ALA A 51 -44.04 -10.40 6.46
CA ALA A 51 -43.43 -9.14 6.05
C ALA A 51 -42.26 -9.41 5.11
N VAL A 52 -42.03 -8.49 4.19
CA VAL A 52 -40.95 -8.60 3.19
C VAL A 52 -39.77 -7.75 3.64
N THR A 53 -38.62 -8.39 3.82
CA THR A 53 -37.37 -7.70 4.05
C THR A 53 -36.56 -7.58 2.76
N HIS A 54 -35.73 -6.55 2.68
CA HIS A 54 -34.84 -6.35 1.55
C HIS A 54 -33.41 -6.25 2.06
N ILE A 55 -32.55 -7.13 1.57
CA ILE A 55 -31.17 -7.19 2.01
C ILE A 55 -30.28 -6.77 0.84
N LYS A 56 -29.45 -5.75 1.07
CA LYS A 56 -28.62 -5.20 0.02
C LYS A 56 -27.41 -6.09 -0.29
N ILE A 57 -27.14 -6.26 -1.58
CA ILE A 57 -25.89 -6.89 -2.01
C ILE A 57 -25.09 -5.86 -2.81
N GLN A 58 -23.83 -5.70 -2.45
CA GLN A 58 -22.91 -4.82 -3.16
C GLN A 58 -21.77 -5.59 -3.85
N ASN A 59 -21.34 -5.11 -5.02
CA ASN A 59 -20.22 -5.71 -5.72
C ASN A 59 -19.58 -4.61 -6.53
N THR A 60 -18.43 -4.14 -6.05
CA THR A 60 -17.66 -3.14 -6.75
C THR A 60 -16.62 -3.76 -7.66
N GLY A 61 -16.43 -5.09 -7.62
CA GLY A 61 -15.54 -5.77 -8.54
C GLY A 61 -14.77 -6.94 -7.95
N ASP A 62 -14.83 -7.10 -6.64
CA ASP A 62 -14.10 -8.22 -6.09
C ASP A 62 -14.97 -9.38 -5.63
N TYR A 63 -16.24 -9.17 -5.29
CA TYR A 63 -17.10 -10.22 -4.74
C TYR A 63 -18.47 -9.61 -4.41
N TYR A 64 -19.44 -10.47 -4.12
CA TYR A 64 -20.78 -10.03 -3.74
C TYR A 64 -20.82 -9.89 -2.22
N ASP A 65 -20.98 -8.65 -1.75
CA ASP A 65 -21.00 -8.37 -0.32
C ASP A 65 -22.46 -8.26 0.11
N LEU A 66 -22.91 -9.22 0.91
CA LEU A 66 -24.30 -9.29 1.35
C LEU A 66 -24.38 -8.65 2.73
N TYR A 67 -25.26 -7.65 2.88
CA TYR A 67 -25.43 -7.02 4.18
C TYR A 67 -25.89 -8.03 5.23
N GLY A 68 -25.23 -8.04 6.39
CA GLY A 68 -25.52 -8.99 7.45
C GLY A 68 -25.25 -10.45 7.11
N GLY A 69 -24.50 -10.71 6.03
CA GLY A 69 -24.08 -12.03 5.63
C GLY A 69 -22.57 -12.06 5.35
N GLU A 70 -22.18 -12.96 4.45
CA GLU A 70 -20.79 -13.17 4.08
C GLU A 70 -20.50 -12.59 2.70
N LYS A 71 -19.27 -12.77 2.22
CA LYS A 71 -18.93 -12.41 0.85
C LYS A 71 -18.86 -13.65 -0.06
N PHE A 72 -19.31 -13.49 -1.31
CA PHE A 72 -19.56 -14.65 -2.17
C PHE A 72 -19.05 -14.44 -3.59
N ALA A 73 -18.79 -15.55 -4.29
CA ALA A 73 -18.25 -15.42 -5.65
C ALA A 73 -19.34 -15.24 -6.70
N THR A 74 -20.53 -15.78 -6.47
CA THR A 74 -21.63 -15.62 -7.42
C THR A 74 -22.93 -15.62 -6.62
N LEU A 75 -24.01 -15.08 -7.21
CA LEU A 75 -25.29 -15.11 -6.50
C LEU A 75 -25.75 -16.55 -6.29
N ALA A 76 -25.49 -17.43 -7.27
CA ALA A 76 -25.91 -18.82 -7.10
C ALA A 76 -25.24 -19.46 -5.90
N GLU A 77 -23.93 -19.21 -5.72
CA GLU A 77 -23.24 -19.76 -4.55
C GLU A 77 -23.74 -19.10 -3.26
N LEU A 78 -24.13 -17.82 -3.32
CA LEU A 78 -24.72 -17.17 -2.16
C LEU A 78 -26.02 -17.88 -1.76
N VAL A 79 -26.91 -18.08 -2.73
CA VAL A 79 -28.20 -18.73 -2.43
C VAL A 79 -27.96 -20.15 -1.96
N GLN A 80 -27.05 -20.89 -2.62
CA GLN A 80 -26.86 -22.27 -2.23
C GLN A 80 -26.35 -22.35 -0.79
N TYR A 81 -25.53 -21.40 -0.39
CA TYR A 81 -24.99 -21.41 0.96
C TYR A 81 -26.09 -21.24 2.00
N TYR A 82 -26.95 -20.25 1.80
CA TYR A 82 -27.96 -19.94 2.79
C TYR A 82 -29.14 -20.90 2.74
N MET A 83 -29.25 -21.70 1.68
CA MET A 83 -30.33 -22.68 1.61
C MET A 83 -29.93 -24.02 2.19
N GLU A 84 -28.64 -24.36 2.21
CA GLU A 84 -28.15 -25.64 2.72
C GLU A 84 -27.42 -25.48 4.05
N HIS A 85 -26.33 -24.71 4.10
CA HIS A 85 -25.84 -24.26 5.39
C HIS A 85 -26.83 -23.27 5.97
N HIS A 86 -26.87 -23.17 7.29
CA HIS A 86 -27.72 -22.14 7.86
C HIS A 86 -27.17 -20.75 7.54
N GLY A 87 -25.86 -20.55 7.72
CA GLY A 87 -25.23 -19.26 7.51
C GLY A 87 -25.86 -18.16 8.34
N GLN A 88 -26.92 -18.50 9.07
CA GLN A 88 -27.71 -17.54 9.81
C GLN A 88 -27.74 -16.17 9.12
N LEU A 89 -28.60 -16.05 8.12
CA LEU A 89 -28.93 -14.73 7.60
C LEU A 89 -29.92 -14.12 8.60
N LYS A 90 -29.40 -13.32 9.53
CA LYS A 90 -30.20 -12.76 10.60
C LYS A 90 -30.32 -11.25 10.42
N GLU A 91 -31.00 -10.63 11.36
CA GLU A 91 -31.31 -9.22 11.22
C GLU A 91 -31.69 -8.58 12.58
N ASP A 95 -33.95 -11.87 15.46
CA ASP A 95 -34.68 -12.54 14.40
C ASP A 95 -33.72 -13.18 13.39
N VAL A 96 -34.15 -14.28 12.77
CA VAL A 96 -33.38 -14.97 11.74
C VAL A 96 -34.19 -15.00 10.44
N ILE A 97 -33.49 -14.80 9.31
CA ILE A 97 -34.10 -14.80 7.98
C ILE A 97 -33.72 -16.11 7.28
N GLU A 98 -34.72 -16.90 6.90
CA GLU A 98 -34.51 -18.20 6.28
C GLU A 98 -34.89 -18.12 4.81
N LEU A 99 -34.01 -18.59 3.92
CA LEU A 99 -34.32 -18.70 2.50
C LEU A 99 -34.84 -20.12 2.26
N LYS A 100 -36.15 -20.25 2.08
CA LYS A 100 -36.78 -21.56 1.95
C LYS A 100 -37.23 -21.84 0.53
N TYR A 101 -38.01 -20.94 -0.06
CA TYR A 101 -38.66 -21.23 -1.33
C TYR A 101 -38.32 -20.18 -2.35
N PRO A 102 -37.55 -20.52 -3.37
CA PRO A 102 -37.37 -19.61 -4.50
C PRO A 102 -38.71 -19.22 -5.09
N LEU A 103 -38.93 -17.92 -5.21
CA LEU A 103 -39.99 -17.38 -6.06
C LEU A 103 -39.48 -17.31 -7.48
N ASN A 104 -39.97 -18.17 -8.36
CA ASN A 104 -39.41 -18.29 -9.70
C ASN A 104 -39.89 -17.18 -10.62
N CYS A 105 -39.00 -16.76 -11.50
CA CYS A 105 -39.28 -15.73 -12.48
C CYS A 105 -39.62 -16.41 -13.79
N ALA A 106 -40.50 -15.81 -14.56
CA ALA A 106 -40.93 -16.40 -15.82
C ALA A 106 -40.35 -15.71 -17.02
N ASP A 107 -39.71 -14.57 -16.85
CA ASP A 107 -39.14 -13.86 -17.97
C ASP A 107 -38.23 -14.80 -18.76
N PRO A 108 -38.17 -14.69 -20.09
CA PRO A 108 -37.13 -15.38 -20.86
C PRO A 108 -35.95 -14.51 -21.26
N THR A 109 -35.90 -13.27 -20.79
CA THR A 109 -34.99 -12.27 -21.37
C THR A 109 -33.50 -12.56 -21.15
N SER A 110 -33.13 -13.47 -20.24
CA SER A 110 -31.71 -13.81 -20.16
C SER A 110 -31.47 -15.28 -20.47
N GLU A 111 -32.36 -15.89 -21.23
CA GLU A 111 -32.09 -17.22 -21.75
C GLU A 111 -31.27 -17.15 -23.03
N ARG A 112 -30.31 -18.06 -23.19
CA ARG A 112 -29.45 -18.03 -24.38
C ARG A 112 -30.25 -18.12 -25.68
N TRP A 113 -31.42 -18.78 -25.66
CA TRP A 113 -32.14 -19.04 -26.90
C TRP A 113 -33.20 -18.01 -27.23
N PHE A 114 -33.40 -17.00 -26.38
CA PHE A 114 -34.45 -16.03 -26.59
C PHE A 114 -33.93 -14.79 -27.31
N HIS A 115 -34.54 -14.44 -28.44
CA HIS A 115 -34.11 -13.32 -29.28
C HIS A 115 -35.15 -12.21 -29.43
N GLY A 116 -36.25 -12.25 -28.67
CA GLY A 116 -37.30 -11.26 -28.73
C GLY A 116 -37.68 -10.81 -30.12
N HIS A 117 -37.53 -9.51 -30.39
CA HIS A 117 -37.77 -8.95 -31.72
C HIS A 117 -36.89 -9.66 -32.74
N LEU A 118 -37.50 -10.39 -33.67
CA LEU A 118 -36.74 -11.07 -34.72
C LEU A 118 -37.70 -11.67 -35.75
N SER A 119 -37.53 -11.28 -37.01
CA SER A 119 -38.32 -11.79 -38.11
C SER A 119 -38.05 -13.28 -38.33
N GLY A 120 -38.91 -13.90 -39.14
CA GLY A 120 -38.65 -15.26 -39.55
C GLY A 120 -37.53 -15.40 -40.56
N LYS A 121 -37.35 -14.38 -41.42
CA LYS A 121 -36.31 -14.45 -42.44
C LYS A 121 -34.94 -14.18 -41.83
N GLU A 122 -34.86 -13.21 -40.93
CA GLU A 122 -33.63 -13.03 -40.15
C GLU A 122 -33.28 -14.31 -39.37
N ALA A 123 -34.27 -14.96 -38.76
CA ALA A 123 -33.99 -16.15 -37.97
C ALA A 123 -33.58 -17.33 -38.85
N GLU A 124 -34.21 -17.50 -40.02
CA GLU A 124 -33.78 -18.51 -40.97
C GLU A 124 -32.35 -18.25 -41.47
N LYS A 125 -31.97 -16.97 -41.64
CA LYS A 125 -30.61 -16.69 -42.10
C LYS A 125 -29.60 -17.01 -41.01
N LEU A 126 -29.85 -16.52 -39.79
CA LEU A 126 -29.00 -16.83 -38.64
C LEU A 126 -28.79 -18.32 -38.47
N LEU A 127 -29.88 -19.09 -38.45
CA LEU A 127 -29.75 -20.53 -38.32
C LEU A 127 -29.03 -21.12 -39.53
N THR A 128 -29.16 -20.48 -40.69
CA THR A 128 -28.51 -20.99 -41.89
C THR A 128 -27.01 -20.79 -41.83
N GLU A 129 -26.58 -19.58 -41.46
CA GLU A 129 -25.17 -19.26 -41.53
C GLU A 129 -24.38 -19.78 -40.34
N LYS A 130 -24.99 -19.87 -39.17
CA LYS A 130 -24.24 -20.24 -37.98
C LYS A 130 -24.93 -21.31 -37.16
N GLY A 131 -25.86 -22.06 -37.73
CA GLY A 131 -26.42 -23.15 -36.97
C GLY A 131 -25.91 -24.52 -37.38
N LYS A 132 -26.17 -25.52 -36.57
CA LYS A 132 -25.95 -26.92 -36.90
C LYS A 132 -27.20 -27.70 -36.50
N HIS A 133 -27.22 -28.99 -36.83
CA HIS A 133 -28.38 -29.81 -36.48
C HIS A 133 -28.68 -29.69 -35.00
N GLY A 134 -29.88 -29.21 -34.67
CA GLY A 134 -30.28 -29.00 -33.29
C GLY A 134 -30.12 -27.57 -32.78
N SER A 135 -29.55 -26.67 -33.56
CA SER A 135 -29.51 -25.27 -33.13
C SER A 135 -30.92 -24.67 -33.18
N PHE A 136 -31.27 -23.89 -32.14
CA PHE A 136 -32.62 -23.36 -32.08
C PHE A 136 -32.66 -22.01 -31.36
N LEU A 137 -33.84 -21.40 -31.41
CA LEU A 137 -34.07 -20.09 -30.83
C LEU A 137 -35.57 -19.86 -30.73
N VAL A 138 -35.95 -18.85 -29.97
CA VAL A 138 -37.34 -18.50 -29.78
C VAL A 138 -37.44 -17.01 -29.96
N ARG A 139 -38.48 -16.57 -30.65
CA ARG A 139 -38.67 -15.16 -31.01
C ARG A 139 -40.14 -14.80 -30.91
N GLU A 140 -40.42 -13.48 -30.92
CA GLU A 140 -41.79 -12.97 -30.94
C GLU A 140 -42.41 -13.17 -32.30
N SER A 141 -43.59 -13.79 -32.31
CA SER A 141 -44.30 -13.99 -33.58
C SER A 141 -44.71 -12.65 -34.16
N GLN A 142 -44.43 -12.48 -35.45
CA GLN A 142 -44.79 -11.27 -36.18
C GLN A 142 -46.09 -11.42 -36.95
N SER A 143 -46.33 -12.59 -37.54
CA SER A 143 -47.64 -12.84 -38.12
C SER A 143 -48.75 -12.76 -37.08
N HIS A 144 -48.53 -13.35 -35.90
CA HIS A 144 -49.56 -13.44 -34.85
C HIS A 144 -49.10 -12.67 -33.61
N PRO A 145 -49.40 -11.38 -33.51
CA PRO A 145 -48.92 -10.60 -32.36
C PRO A 145 -49.30 -11.30 -31.06
N GLY A 146 -48.38 -11.28 -30.10
CA GLY A 146 -48.57 -11.94 -28.82
C GLY A 146 -48.09 -13.38 -28.73
N ASP A 147 -48.04 -14.11 -29.85
CA ASP A 147 -47.54 -15.48 -29.83
C ASP A 147 -46.02 -15.49 -30.00
N PHE A 148 -45.43 -16.68 -29.99
CA PHE A 148 -43.99 -16.79 -30.19
C PHE A 148 -43.69 -17.85 -31.25
N VAL A 149 -42.43 -17.92 -31.66
CA VAL A 149 -42.01 -18.89 -32.67
C VAL A 149 -40.76 -19.60 -32.19
N LEU A 150 -40.77 -20.92 -32.30
CA LEU A 150 -39.57 -21.73 -32.05
C LEU A 150 -38.99 -22.13 -33.40
N SER A 151 -37.76 -21.72 -33.65
CA SER A 151 -37.10 -22.04 -34.92
C SER A 151 -35.95 -23.01 -34.67
N VAL A 152 -35.98 -24.14 -35.37
CA VAL A 152 -35.02 -25.21 -35.18
C VAL A 152 -34.35 -25.53 -36.52
N ARG A 153 -33.06 -25.84 -36.46
CA ARG A 153 -32.35 -26.39 -37.60
C ARG A 153 -32.12 -27.88 -37.36
N THR A 154 -32.26 -28.66 -38.44
CA THR A 154 -32.02 -30.09 -38.42
C THR A 154 -31.34 -30.46 -39.74
N GLY A 155 -30.44 -31.44 -39.68
CA GLY A 155 -29.79 -31.87 -40.90
C GLY A 155 -28.58 -32.74 -40.59
N ASP A 156 -27.69 -32.79 -41.58
CA ASP A 156 -26.51 -33.63 -41.50
C ASP A 156 -25.32 -32.79 -41.05
N ASN A 162 -25.27 -25.98 -48.81
CA ASN A 162 -26.66 -25.82 -49.23
C ASN A 162 -27.07 -26.94 -50.19
N ASP A 163 -26.86 -28.17 -49.74
CA ASP A 163 -27.16 -29.36 -50.52
C ASP A 163 -28.55 -29.91 -50.25
N GLY A 164 -29.39 -29.17 -49.54
CA GLY A 164 -30.71 -29.64 -49.17
C GLY A 164 -30.75 -30.67 -48.06
N LYS A 165 -29.60 -31.10 -47.53
CA LYS A 165 -29.52 -32.07 -46.45
C LYS A 165 -29.90 -31.49 -45.09
N SER A 166 -30.17 -30.19 -45.02
CA SER A 166 -30.59 -29.58 -43.78
C SER A 166 -31.84 -28.75 -44.04
N LYS A 167 -32.43 -28.22 -42.97
CA LYS A 167 -33.62 -27.39 -43.13
C LYS A 167 -33.89 -26.62 -41.84
N VAL A 168 -34.70 -25.57 -41.95
CA VAL A 168 -35.19 -24.81 -40.79
C VAL A 168 -36.68 -25.10 -40.63
N THR A 169 -37.09 -25.45 -39.41
CA THR A 169 -38.50 -25.67 -39.10
C THR A 169 -38.94 -24.67 -38.05
N HIS A 170 -40.15 -24.12 -38.22
CA HIS A 170 -40.71 -23.16 -37.28
C HIS A 170 -41.93 -23.78 -36.63
N VAL A 171 -42.18 -23.40 -35.38
CA VAL A 171 -43.27 -23.97 -34.60
C VAL A 171 -43.93 -22.83 -33.83
N MET A 172 -45.23 -22.69 -34.02
CA MET A 172 -45.98 -21.67 -33.31
C MET A 172 -46.08 -21.97 -31.82
N ILE A 173 -45.79 -20.97 -31.01
CA ILE A 173 -46.03 -21.03 -29.57
C ILE A 173 -47.15 -20.06 -29.28
N ARG A 174 -48.30 -20.58 -28.88
CA ARG A 174 -49.43 -19.75 -28.51
C ARG A 174 -49.28 -19.28 -27.06
N CYS A 175 -49.56 -18.01 -26.84
CA CYS A 175 -49.63 -17.43 -25.52
C CYS A 175 -51.09 -17.15 -25.26
N GLN A 176 -51.66 -17.90 -24.32
CA GLN A 176 -53.07 -17.79 -23.94
C GLN A 176 -53.13 -17.73 -22.42
N GLU A 177 -53.66 -16.63 -21.89
CA GLU A 177 -53.74 -16.40 -20.44
C GLU A 177 -52.38 -16.68 -19.79
N LEU A 178 -51.37 -15.98 -20.30
CA LEU A 178 -50.04 -16.03 -19.73
C LEU A 178 -49.47 -17.44 -19.70
N LYS A 179 -50.06 -18.37 -20.43
CA LYS A 179 -49.54 -19.71 -20.53
C LYS A 179 -49.16 -20.01 -21.97
N TYR A 180 -48.25 -20.95 -22.16
CA TYR A 180 -47.66 -21.20 -23.47
C TYR A 180 -47.86 -22.65 -23.91
N ASP A 181 -48.09 -22.83 -25.20
CA ASP A 181 -48.28 -24.17 -25.72
C ASP A 181 -47.99 -24.19 -27.22
N VAL A 182 -47.77 -25.39 -27.75
CA VAL A 182 -47.46 -25.55 -29.16
C VAL A 182 -48.67 -26.00 -29.98
N GLY A 183 -49.88 -25.61 -29.55
CA GLY A 183 -51.09 -25.94 -30.26
C GLY A 183 -51.84 -27.15 -29.73
N GLY A 184 -51.24 -27.90 -28.81
CA GLY A 184 -51.88 -29.05 -28.21
C GLY A 184 -51.08 -29.48 -26.99
N GLY A 185 -51.66 -30.39 -26.22
CA GLY A 185 -50.95 -30.95 -25.08
C GLY A 185 -50.95 -30.03 -23.87
N GLU A 186 -49.81 -29.90 -23.20
CA GLU A 186 -49.75 -29.16 -21.94
C GLU A 186 -49.51 -27.68 -22.19
N ARG A 187 -49.95 -26.86 -21.22
CA ARG A 187 -49.78 -25.42 -21.26
C ARG A 187 -48.79 -25.04 -20.17
N PHE A 188 -47.74 -24.31 -20.54
CA PHE A 188 -46.65 -24.02 -19.60
C PHE A 188 -46.73 -22.61 -19.02
N ASP A 189 -46.25 -22.46 -17.77
CA ASP A 189 -46.25 -21.16 -17.11
C ASP A 189 -45.19 -20.22 -17.65
N SER A 190 -44.25 -20.71 -18.45
CA SER A 190 -43.18 -19.89 -19.00
C SER A 190 -42.63 -20.52 -20.27
N LEU A 191 -42.05 -19.66 -21.09
CA LEU A 191 -41.39 -20.17 -22.28
C LEU A 191 -40.28 -21.11 -21.90
N THR A 192 -39.64 -20.85 -20.77
CA THR A 192 -38.56 -21.72 -20.32
C THR A 192 -39.06 -23.11 -19.98
N ASP A 193 -40.21 -23.21 -19.30
CA ASP A 193 -40.78 -24.52 -19.03
C ASP A 193 -41.11 -25.26 -20.33
N LEU A 194 -41.60 -24.55 -21.34
CA LEU A 194 -41.91 -25.24 -22.59
C LEU A 194 -40.63 -25.74 -23.27
N VAL A 195 -39.63 -24.85 -23.42
CA VAL A 195 -38.37 -25.25 -24.04
C VAL A 195 -37.73 -26.43 -23.30
N GLU A 196 -37.64 -26.32 -21.96
CA GLU A 196 -37.11 -27.41 -21.15
C GLU A 196 -37.85 -28.71 -21.44
N HIS A 197 -39.18 -28.66 -21.39
CA HIS A 197 -39.96 -29.85 -21.66
C HIS A 197 -39.64 -30.42 -23.03
N TYR A 198 -39.72 -29.60 -24.08
CA TYR A 198 -39.51 -30.15 -25.41
C TYR A 198 -38.04 -30.36 -25.71
N LYS A 199 -37.16 -29.97 -24.80
CA LYS A 199 -35.77 -30.42 -24.88
C LYS A 199 -35.64 -31.87 -24.41
N LYS A 200 -36.31 -32.23 -23.31
CA LYS A 200 -36.25 -33.61 -22.81
C LYS A 200 -37.08 -34.54 -23.68
N ASN A 201 -38.14 -34.04 -24.30
CA ASN A 201 -39.11 -34.86 -25.04
C ASN A 201 -39.31 -34.27 -26.45
N PRO A 202 -38.32 -34.41 -27.32
CA PRO A 202 -38.37 -33.68 -28.60
C PRO A 202 -39.67 -33.89 -29.38
N MET A 203 -39.97 -32.93 -30.23
CA MET A 203 -41.16 -32.94 -31.08
C MET A 203 -40.83 -33.73 -32.34
N VAL A 204 -41.73 -34.62 -32.74
CA VAL A 204 -41.53 -35.49 -33.89
C VAL A 204 -42.53 -35.10 -34.96
N GLU A 205 -42.03 -34.69 -36.12
CA GLU A 205 -42.89 -34.35 -37.23
C GLU A 205 -43.59 -35.61 -37.77
N THR A 206 -44.58 -35.40 -38.65
CA THR A 206 -45.37 -36.55 -39.11
C THR A 206 -44.48 -37.56 -39.84
N LEU A 207 -43.53 -37.09 -40.65
CA LEU A 207 -42.74 -37.99 -41.48
C LEU A 207 -41.44 -38.43 -40.84
N GLY A 208 -41.27 -38.21 -39.54
CA GLY A 208 -40.11 -38.81 -38.89
C GLY A 208 -39.14 -37.84 -38.23
N THR A 209 -38.86 -36.71 -38.87
CA THR A 209 -37.82 -35.82 -38.37
C THR A 209 -38.14 -35.35 -36.95
N VAL A 210 -37.23 -35.62 -36.02
CA VAL A 210 -37.41 -35.21 -34.63
C VAL A 210 -36.73 -33.87 -34.42
N LEU A 211 -37.48 -32.90 -33.90
CA LEU A 211 -36.94 -31.55 -33.81
C LEU A 211 -36.20 -31.43 -32.48
N GLN A 212 -34.96 -31.91 -32.50
CA GLN A 212 -34.13 -31.95 -31.30
C GLN A 212 -33.52 -30.58 -31.04
N LEU A 213 -33.80 -30.03 -29.86
CA LEU A 213 -33.25 -28.75 -29.42
C LEU A 213 -31.94 -29.03 -28.70
N LYS A 214 -30.86 -29.03 -29.48
CA LYS A 214 -29.57 -29.46 -28.94
C LYS A 214 -28.81 -28.32 -28.27
N GLN A 215 -28.65 -27.19 -28.96
CA GLN A 215 -27.97 -26.04 -28.39
C GLN A 215 -28.56 -24.76 -28.97
N PRO A 216 -28.61 -23.69 -28.19
CA PRO A 216 -29.08 -22.42 -28.75
C PRO A 216 -28.13 -21.94 -29.83
N LEU A 217 -28.70 -21.25 -30.81
CA LEU A 217 -27.87 -20.67 -31.85
C LEU A 217 -26.93 -19.68 -31.20
N ASN A 218 -25.66 -19.69 -31.63
CA ASN A 218 -24.65 -18.81 -31.03
C ASN A 218 -24.63 -17.47 -31.77
N THR A 219 -25.03 -16.41 -31.07
CA THR A 219 -24.92 -15.08 -31.63
C THR A 219 -23.82 -14.23 -31.01
N THR A 220 -23.16 -14.70 -29.94
CA THR A 220 -22.17 -13.89 -29.24
C THR A 220 -20.82 -13.90 -29.94
N ARG A 221 -20.54 -14.97 -30.69
CA ARG A 221 -19.29 -15.08 -31.41
C ARG A 221 -19.25 -14.07 -32.55
N ILE A 222 -18.20 -13.26 -32.57
CA ILE A 222 -17.98 -12.29 -33.64
C ILE A 222 -16.61 -12.55 -34.27
N ASN A 223 -16.44 -12.01 -35.49
CA ASN A 223 -15.11 -11.85 -36.05
C ASN A 223 -14.40 -10.64 -35.46
N ALA A 224 -13.11 -10.78 -35.16
CA ALA A 224 -12.41 -9.78 -34.34
C ALA A 224 -12.40 -8.41 -35.01
N ALA A 225 -12.24 -8.38 -36.34
CA ALA A 225 -12.15 -7.11 -37.05
C ALA A 225 -13.39 -6.28 -36.83
N GLU A 226 -14.55 -6.93 -36.68
CA GLU A 226 -15.81 -6.25 -36.45
C GLU A 226 -16.09 -5.98 -34.97
N ILE A 227 -15.06 -5.88 -34.13
CA ILE A 227 -15.28 -5.63 -32.71
C ILE A 227 -16.05 -4.33 -32.52
N GLU A 228 -15.54 -3.23 -33.07
CA GLU A 228 -16.16 -1.93 -32.84
C GLU A 228 -17.64 -1.95 -33.26
N SER A 229 -17.95 -2.62 -34.36
CA SER A 229 -19.35 -2.70 -34.75
C SER A 229 -20.19 -3.34 -33.64
N ARG A 230 -19.76 -4.49 -33.14
CA ARG A 230 -20.50 -5.13 -32.04
C ARG A 230 -20.52 -4.24 -30.79
N VAL A 231 -19.41 -3.56 -30.49
CA VAL A 231 -19.39 -2.69 -29.31
C VAL A 231 -20.39 -1.57 -29.45
N ARG A 232 -20.55 -1.04 -30.67
CA ARG A 232 -21.61 -0.07 -30.85
C ARG A 232 -22.98 -0.72 -30.71
N GLU A 233 -23.15 -1.94 -31.25
CA GLU A 233 -24.45 -2.61 -31.12
C GLU A 233 -24.81 -2.81 -29.64
N LEU A 234 -23.83 -3.30 -28.87
CA LEU A 234 -24.04 -3.51 -27.44
C LEU A 234 -24.21 -2.21 -26.66
N SER A 235 -23.90 -1.05 -27.26
CA SER A 235 -23.96 0.24 -26.56
C SER A 235 -25.28 0.98 -26.76
N LYS A 236 -26.12 0.57 -27.69
CA LYS A 236 -27.48 1.11 -27.81
C LYS A 236 -28.38 0.49 -26.74
N LEU A 237 -29.63 0.97 -26.71
CA LEU A 237 -30.63 0.52 -25.73
C LEU A 237 -31.41 -0.72 -26.20
N GLN A 246 -29.30 -1.35 -21.70
CA GLN A 246 -28.29 -1.46 -22.75
C GLN A 246 -27.96 -2.90 -23.12
N GLY A 247 -27.63 -3.10 -24.41
CA GLY A 247 -27.40 -4.45 -24.93
C GLY A 247 -26.33 -5.20 -24.17
N PHE A 248 -25.30 -4.47 -23.70
CA PHE A 248 -24.26 -5.02 -22.83
C PHE A 248 -24.87 -5.72 -21.62
N TRP A 249 -25.85 -5.06 -20.98
CA TRP A 249 -26.47 -5.60 -19.77
C TRP A 249 -27.27 -6.86 -20.06
N GLU A 250 -27.99 -6.87 -21.17
CA GLU A 250 -28.66 -8.09 -21.61
C GLU A 250 -27.66 -9.23 -21.81
N GLU A 251 -26.57 -8.96 -22.54
CA GLU A 251 -25.69 -10.07 -22.87
C GLU A 251 -25.01 -10.58 -21.62
N PHE A 252 -24.63 -9.66 -20.72
CA PHE A 252 -23.95 -10.02 -19.49
C PHE A 252 -24.87 -10.84 -18.59
N GLU A 253 -26.10 -10.36 -18.43
CA GLU A 253 -27.03 -11.03 -17.54
C GLU A 253 -27.44 -12.39 -18.09
N THR A 254 -27.39 -12.55 -19.41
CA THR A 254 -27.60 -13.87 -19.99
C THR A 254 -26.45 -14.83 -19.65
N LEU A 255 -25.22 -14.32 -19.59
CA LEU A 255 -24.10 -15.08 -19.02
C LEU A 255 -24.33 -15.36 -17.54
N GLN A 256 -24.71 -14.35 -16.75
CA GLN A 256 -24.88 -14.62 -15.33
C GLN A 256 -25.88 -15.75 -15.12
N GLN A 257 -26.91 -15.79 -15.97
CA GLN A 257 -27.92 -16.85 -15.89
C GLN A 257 -27.29 -18.23 -16.01
N GLN A 258 -26.12 -18.33 -16.64
CA GLN A 258 -25.47 -19.63 -16.80
C GLN A 258 -24.62 -20.02 -15.58
N GLU A 259 -24.59 -19.21 -14.54
CA GLU A 259 -23.71 -19.55 -13.45
C GLU A 259 -24.23 -20.72 -12.64
N CYS A 260 -25.53 -21.08 -12.76
CA CYS A 260 -26.09 -22.19 -12.01
CA CYS A 260 -26.05 -22.19 -11.97
C CYS A 260 -25.51 -23.54 -12.44
N LYS A 261 -24.90 -23.61 -13.62
CA LYS A 261 -24.29 -24.85 -14.08
C LYS A 261 -22.88 -25.05 -13.51
N LEU A 262 -22.38 -24.08 -12.75
CA LEU A 262 -21.00 -24.13 -12.32
C LEU A 262 -20.82 -24.35 -10.82
N LEU A 263 -21.81 -24.96 -10.16
CA LEU A 263 -21.73 -25.14 -8.71
C LEU A 263 -21.01 -26.44 -8.40
N TYR A 264 -19.73 -26.48 -8.77
CA TYR A 264 -18.89 -27.64 -8.52
C TYR A 264 -18.49 -27.71 -7.05
N SER A 265 -18.13 -28.90 -6.63
CA SER A 265 -17.79 -29.04 -5.24
C SER A 265 -16.51 -28.25 -4.95
N ARG A 266 -16.47 -27.72 -3.73
CA ARG A 266 -15.32 -27.06 -3.15
C ARG A 266 -15.12 -27.58 -1.71
N LYS A 267 -15.10 -28.91 -1.58
CA LYS A 267 -15.00 -29.56 -0.29
C LYS A 267 -13.64 -29.29 0.38
N GLU A 268 -12.55 -29.34 -0.38
CA GLU A 268 -11.25 -29.23 0.28
C GLU A 268 -11.13 -27.88 0.97
N GLY A 269 -11.69 -26.84 0.37
CA GLY A 269 -11.51 -25.53 0.98
C GLY A 269 -12.34 -25.36 2.24
N GLN A 270 -13.30 -26.25 2.46
CA GLN A 270 -14.21 -26.21 3.59
C GLN A 270 -13.71 -27.03 4.77
N ARG A 271 -12.62 -27.77 4.59
CA ARG A 271 -12.06 -28.52 5.71
C ARG A 271 -11.55 -27.60 6.81
N GLN A 272 -11.73 -28.07 8.05
CA GLN A 272 -11.37 -27.29 9.23
C GLN A 272 -9.90 -26.87 9.20
N GLU A 273 -9.03 -27.80 8.88
CA GLU A 273 -7.62 -27.47 8.77
C GLU A 273 -7.34 -26.44 7.67
N ASN A 274 -8.27 -26.22 6.72
CA ASN A 274 -8.04 -25.30 5.62
C ASN A 274 -8.84 -24.02 5.75
N LYS A 275 -9.70 -23.92 6.77
CA LYS A 275 -10.52 -22.73 6.90
C LYS A 275 -9.68 -21.46 7.01
N ASN A 276 -8.59 -21.49 7.78
CA ASN A 276 -7.77 -20.31 8.08
C ASN A 276 -6.90 -19.88 6.91
N LYS A 277 -6.86 -20.67 5.85
CA LYS A 277 -6.07 -20.38 4.67
C LYS A 277 -6.92 -19.74 3.58
N ASN A 278 -8.14 -19.33 3.92
CA ASN A 278 -9.01 -18.71 2.94
C ASN A 278 -9.22 -17.24 3.30
N ARG A 279 -8.97 -16.33 2.35
CA ARG A 279 -9.06 -14.93 2.72
C ARG A 279 -10.50 -14.55 3.00
N TYR A 280 -11.40 -15.14 2.23
CA TYR A 280 -12.84 -15.02 2.36
C TYR A 280 -13.39 -16.43 2.49
N LYS A 281 -14.03 -16.71 3.63
CA LYS A 281 -14.39 -18.09 4.00
C LYS A 281 -15.20 -18.78 2.91
N ASN A 282 -16.10 -18.06 2.26
CA ASN A 282 -16.98 -18.76 1.34
C ASN A 282 -16.52 -18.65 -0.11
N ILE A 283 -15.38 -18.01 -0.38
CA ILE A 283 -14.86 -17.89 -1.75
C ILE A 283 -13.74 -18.92 -1.84
N LEU A 284 -14.02 -20.05 -2.47
CA LEU A 284 -13.18 -21.24 -2.43
C LEU A 284 -12.89 -21.78 -3.81
N PRO A 285 -11.79 -22.51 -3.96
CA PRO A 285 -11.44 -23.11 -5.25
C PRO A 285 -12.20 -24.42 -5.47
N PHE A 286 -12.64 -24.61 -6.71
CA PHE A 286 -13.20 -25.91 -7.09
C PHE A 286 -12.19 -27.00 -6.80
N ASP A 287 -12.70 -28.10 -6.23
CA ASP A 287 -11.86 -29.27 -5.99
C ASP A 287 -11.14 -29.74 -7.27
N HIS A 288 -11.83 -29.76 -8.40
CA HIS A 288 -11.28 -30.43 -9.58
C HIS A 288 -10.23 -29.62 -10.35
N THR A 289 -10.08 -28.30 -10.09
CA THR A 289 -9.00 -27.51 -10.69
C THR A 289 -8.06 -26.91 -9.64
N ARG A 290 -8.26 -27.18 -8.35
CA ARG A 290 -7.44 -26.51 -7.36
C ARG A 290 -5.99 -26.94 -7.50
N VAL A 291 -5.09 -26.06 -7.05
CA VAL A 291 -3.68 -26.44 -7.05
C VAL A 291 -3.38 -27.30 -5.83
N VAL A 292 -2.86 -28.49 -6.06
CA VAL A 292 -2.49 -29.37 -4.97
C VAL A 292 -1.00 -29.23 -4.71
N LEU A 293 -0.63 -29.01 -3.46
CA LEU A 293 0.77 -28.82 -3.09
C LEU A 293 1.30 -30.11 -2.50
N HIS A 294 2.41 -30.61 -3.04
CA HIS A 294 3.03 -31.82 -2.54
C HIS A 294 4.30 -31.48 -1.78
N ASP A 295 5.03 -32.52 -1.38
CA ASP A 295 6.28 -32.35 -0.64
C ASP A 295 6.08 -31.47 0.57
N GLY A 296 4.87 -31.47 1.10
CA GLY A 296 4.61 -30.76 2.35
C GLY A 296 5.23 -31.48 3.53
N ASP A 297 5.78 -30.70 4.43
CA ASP A 297 6.27 -31.25 5.69
C ASP A 297 5.21 -32.19 6.29
N PRO A 298 5.56 -33.42 6.66
CA PRO A 298 4.55 -34.33 7.24
C PRO A 298 4.04 -33.91 8.61
N ASN A 299 4.61 -32.87 9.23
CA ASN A 299 4.15 -32.40 10.53
C ASN A 299 2.74 -31.85 10.46
N GLU A 300 2.42 -31.07 9.41
CA GLU A 300 1.07 -30.52 9.27
C GLU A 300 0.13 -31.59 8.73
N PRO A 301 -1.05 -31.77 9.34
CA PRO A 301 -1.97 -32.81 8.84
C PRO A 301 -2.27 -32.57 7.37
N VAL A 302 -2.78 -31.37 7.07
CA VAL A 302 -3.16 -30.98 5.73
C VAL A 302 -2.15 -29.94 5.28
N SER A 303 -1.24 -30.37 4.40
CA SER A 303 -0.25 -29.46 3.84
C SER A 303 -0.41 -29.30 2.35
N ASP A 304 -1.51 -29.80 1.77
CA ASP A 304 -1.69 -29.81 0.32
C ASP A 304 -2.57 -28.67 -0.20
N TYR A 305 -2.91 -27.68 0.61
CA TYR A 305 -3.98 -26.78 0.24
C TYR A 305 -3.54 -25.33 0.10
N ILE A 306 -4.00 -24.69 -0.99
CA ILE A 306 -3.94 -23.23 -1.12
C ILE A 306 -5.18 -22.76 -1.89
N ASN A 307 -5.56 -21.50 -1.70
CA ASN A 307 -6.75 -21.01 -2.42
C ASN A 307 -6.25 -20.57 -3.82
N ALA A 308 -6.29 -21.49 -4.80
CA ALA A 308 -5.82 -21.18 -6.15
C ALA A 308 -6.31 -22.26 -7.10
N ASN A 309 -6.56 -21.90 -8.36
CA ASN A 309 -7.05 -22.84 -9.38
C ASN A 309 -6.21 -22.70 -10.64
N ILE A 310 -5.89 -23.84 -11.26
CA ILE A 310 -5.29 -23.83 -12.60
C ILE A 310 -6.33 -23.32 -13.56
N ILE A 311 -5.97 -22.37 -14.39
CA ILE A 311 -6.85 -21.88 -15.46
C ILE A 311 -6.14 -22.17 -16.77
N MET A 312 -6.78 -22.94 -17.60
CA MET A 312 -6.11 -23.20 -18.86
C MET A 312 -7.09 -23.01 -19.99
N PRO A 313 -6.74 -22.18 -20.96
CA PRO A 313 -7.67 -21.96 -22.08
C PRO A 313 -7.92 -23.29 -22.77
N GLU A 314 -9.19 -23.61 -22.98
CA GLU A 314 -9.55 -24.90 -23.56
C GLU A 314 -10.18 -24.66 -24.91
N LYS A 326 -0.31 -20.82 -23.20
CA LYS A 326 -0.19 -20.14 -21.90
C LYS A 326 -1.30 -20.60 -20.94
N SER A 327 -0.95 -21.14 -19.77
CA SER A 327 -1.98 -21.38 -18.76
C SER A 327 -1.75 -20.45 -17.57
N TYR A 328 -2.67 -20.45 -16.61
CA TYR A 328 -2.65 -19.50 -15.48
C TYR A 328 -3.02 -20.17 -14.16
N ILE A 329 -2.56 -19.57 -13.09
CA ILE A 329 -3.09 -19.90 -11.78
C ILE A 329 -3.79 -18.65 -11.29
N ALA A 330 -5.05 -18.79 -10.94
CA ALA A 330 -5.77 -17.71 -10.29
C ALA A 330 -5.83 -17.99 -8.79
N THR A 331 -5.38 -17.02 -8.00
CA THR A 331 -5.30 -17.19 -6.58
C THR A 331 -5.64 -15.88 -5.85
N GLN A 332 -5.93 -15.99 -4.55
CA GLN A 332 -6.21 -14.84 -3.72
C GLN A 332 -4.92 -14.12 -3.34
N GLY A 333 -5.06 -12.92 -2.77
CA GLY A 333 -3.92 -12.28 -2.13
C GLY A 333 -3.48 -13.03 -0.88
N CYS A 334 -2.15 -13.15 -0.73
CA CYS A 334 -1.62 -13.89 0.38
C CYS A 334 -2.15 -13.33 1.68
N LEU A 335 -2.36 -14.21 2.64
CA LEU A 335 -2.48 -13.90 4.06
C LEU A 335 -1.15 -14.18 4.74
N GLN A 336 -0.96 -13.59 5.93
CA GLN A 336 0.28 -13.80 6.65
C GLN A 336 0.59 -15.29 6.79
N ASN A 337 -0.43 -16.12 6.92
CA ASN A 337 -0.25 -17.53 7.21
C ASN A 337 -0.27 -18.39 5.96
N THR A 338 -0.33 -17.79 4.77
CA THR A 338 -0.23 -18.58 3.55
C THR A 338 0.95 -18.14 2.67
N VAL A 339 1.77 -17.19 3.12
CA VAL A 339 2.88 -16.74 2.28
C VAL A 339 3.78 -17.92 1.96
N ASN A 340 4.06 -18.78 2.95
CA ASN A 340 4.92 -19.92 2.68
C ASN A 340 4.28 -20.86 1.67
N ASP A 341 2.95 -21.01 1.74
CA ASP A 341 2.28 -21.90 0.81
C ASP A 341 2.27 -21.32 -0.61
N PHE A 342 2.05 -20.01 -0.74
CA PHE A 342 2.20 -19.34 -2.02
C PHE A 342 3.56 -19.66 -2.66
N TRP A 343 4.66 -19.58 -1.89
CA TRP A 343 5.96 -19.77 -2.55
C TRP A 343 6.20 -21.25 -2.89
N ARG A 344 5.67 -22.19 -2.09
CA ARG A 344 5.64 -23.59 -2.51
C ARG A 344 4.92 -23.77 -3.85
N MET A 345 3.80 -23.04 -4.04
CA MET A 345 3.08 -23.10 -5.31
C MET A 345 3.94 -22.64 -6.46
N VAL A 346 4.48 -21.44 -6.34
CA VAL A 346 5.29 -20.89 -7.41
C VAL A 346 6.40 -21.86 -7.76
N PHE A 347 7.08 -22.38 -6.74
CA PHE A 347 8.20 -23.26 -7.00
C PHE A 347 7.73 -24.51 -7.72
N GLN A 348 6.71 -25.16 -7.18
CA GLN A 348 6.24 -26.46 -7.67
C GLN A 348 5.71 -26.37 -9.09
N GLU A 349 5.08 -25.26 -9.45
CA GLU A 349 4.51 -25.13 -10.77
C GLU A 349 5.48 -24.51 -11.77
N ASN A 350 6.67 -24.15 -11.35
CA ASN A 350 7.65 -23.60 -12.28
C ASN A 350 7.20 -22.26 -12.84
N SER A 351 6.26 -21.61 -12.17
CA SER A 351 5.83 -20.28 -12.58
C SER A 351 6.98 -19.28 -12.45
N ARG A 352 7.07 -18.42 -13.46
CA ARG A 352 8.15 -17.47 -13.67
C ARG A 352 7.63 -16.05 -13.73
N VAL A 353 6.32 -15.88 -13.67
CA VAL A 353 5.74 -14.54 -13.77
C VAL A 353 4.55 -14.46 -12.85
N ILE A 354 4.51 -13.41 -12.04
CA ILE A 354 3.40 -13.16 -11.13
C ILE A 354 2.78 -11.84 -11.52
N VAL A 355 1.47 -11.83 -11.65
CA VAL A 355 0.69 -10.62 -11.91
C VAL A 355 -0.12 -10.27 -10.64
N MET A 356 0.17 -9.13 -10.03
CA MET A 356 -0.57 -8.65 -8.87
C MET A 356 -1.38 -7.46 -9.33
N THR A 357 -2.69 -7.49 -9.08
CA THR A 357 -3.62 -6.44 -9.50
C THR A 357 -4.32 -5.77 -8.32
N THR A 358 -3.65 -5.61 -7.19
CA THR A 358 -4.22 -4.92 -6.04
C THR A 358 -3.08 -4.21 -5.34
N LYS A 359 -3.38 -3.10 -4.69
CA LYS A 359 -2.41 -2.62 -3.72
C LYS A 359 -2.43 -3.53 -2.49
N GLU A 360 -1.42 -3.36 -1.64
CA GLU A 360 -1.39 -4.15 -0.44
C GLU A 360 -2.58 -3.81 0.44
N VAL A 361 -2.94 -2.53 0.50
CA VAL A 361 -4.03 -2.02 1.32
C VAL A 361 -4.84 -1.10 0.44
N GLU A 362 -6.16 -1.29 0.44
CA GLU A 362 -7.07 -0.40 -0.25
C GLU A 362 -8.20 -0.03 0.70
N ARG A 363 -8.59 1.25 0.71
CA ARG A 363 -9.66 1.73 1.59
C ARG A 363 -9.36 1.36 3.05
N GLY A 364 -8.07 1.40 3.40
CA GLY A 364 -7.63 1.06 4.72
C GLY A 364 -7.67 -0.41 5.06
N LYS A 365 -8.12 -1.26 4.16
CA LYS A 365 -8.25 -2.67 4.50
C LYS A 365 -7.17 -3.49 3.80
N SER A 366 -6.63 -4.49 4.50
CA SER A 366 -5.63 -5.35 3.90
C SER A 366 -6.24 -6.17 2.76
N LYS A 367 -5.56 -6.19 1.61
CA LYS A 367 -5.95 -7.05 0.49
C LYS A 367 -4.94 -8.15 0.20
N CYS A 368 -3.68 -7.99 0.58
CA CYS A 368 -2.67 -8.97 0.26
C CYS A 368 -1.48 -8.65 1.15
N VAL A 369 -0.99 -9.61 1.89
CA VAL A 369 0.20 -9.27 2.65
C VAL A 369 1.38 -9.21 1.70
N LYS A 370 2.40 -8.46 2.10
CA LYS A 370 3.66 -8.33 1.35
C LYS A 370 4.42 -9.67 1.44
N TYR A 371 4.33 -10.46 0.39
CA TYR A 371 4.98 -11.76 0.36
C TYR A 371 6.34 -11.73 -0.33
N TRP A 372 6.84 -10.56 -0.73
CA TRP A 372 8.18 -10.43 -1.30
C TRP A 372 9.05 -9.54 -0.43
N PRO A 373 10.36 -9.73 -0.49
CA PRO A 373 11.26 -8.87 0.29
C PRO A 373 11.41 -7.49 -0.32
N ASP A 374 11.78 -6.55 0.55
CA ASP A 374 12.18 -5.25 0.06
C ASP A 374 13.32 -5.37 -0.94
N GLU A 375 13.44 -4.36 -1.79
CA GLU A 375 14.46 -4.38 -2.82
C GLU A 375 15.84 -4.60 -2.24
N TYR A 376 16.59 -5.53 -2.84
CA TYR A 376 17.95 -5.96 -2.52
C TYR A 376 18.01 -6.92 -1.32
N ALA A 377 16.91 -7.14 -0.62
CA ALA A 377 16.94 -7.94 0.57
C ALA A 377 16.71 -9.42 0.24
N LEU A 378 17.01 -10.26 1.20
CA LEU A 378 16.85 -11.69 1.06
C LEU A 378 16.00 -12.21 2.21
N LYS A 379 14.98 -13.01 1.90
CA LYS A 379 14.13 -13.59 2.95
C LYS A 379 13.90 -15.10 2.70
N GLU A 380 13.83 -15.87 3.80
CA GLU A 380 13.36 -17.26 3.79
C GLU A 380 11.88 -17.26 4.14
N TYR A 381 11.09 -18.00 3.36
CA TYR A 381 9.68 -18.25 3.66
C TYR A 381 9.53 -19.75 3.83
N GLY A 382 9.78 -20.28 5.02
CA GLY A 382 9.69 -21.73 5.12
C GLY A 382 10.89 -22.35 4.40
N VAL A 383 10.68 -23.40 3.61
CA VAL A 383 11.78 -24.01 2.85
C VAL A 383 12.19 -23.24 1.61
N MET A 384 11.50 -22.14 1.29
CA MET A 384 11.76 -21.37 0.09
C MET A 384 12.51 -20.08 0.46
N ARG A 385 13.40 -19.63 -0.41
CA ARG A 385 14.17 -18.41 -0.20
C ARG A 385 13.97 -17.52 -1.40
N VAL A 386 13.71 -16.22 -1.16
CA VAL A 386 13.44 -15.25 -2.21
C VAL A 386 14.37 -14.06 -2.04
N ARG A 387 15.00 -13.66 -3.13
CA ARG A 387 15.80 -12.44 -3.13
C ARG A 387 15.14 -11.45 -4.08
N ASN A 388 14.95 -10.21 -3.62
CA ASN A 388 14.48 -9.14 -4.51
C ASN A 388 15.72 -8.53 -5.18
N VAL A 389 15.95 -8.88 -6.45
CA VAL A 389 17.17 -8.47 -7.14
C VAL A 389 17.12 -6.99 -7.52
N LYS A 390 15.93 -6.50 -7.88
CA LYS A 390 15.81 -5.16 -8.44
C LYS A 390 14.35 -4.89 -8.75
N GLU A 391 13.92 -3.68 -8.43
CA GLU A 391 12.60 -3.15 -8.78
C GLU A 391 12.72 -2.14 -9.92
N SER A 392 11.72 -2.12 -10.81
CA SER A 392 11.65 -1.15 -11.90
C SER A 392 10.28 -0.51 -11.87
N ALA A 393 10.22 0.82 -11.87
CA ALA A 393 8.97 1.57 -11.73
C ALA A 393 8.56 2.12 -13.08
N ALA A 394 7.34 1.80 -13.52
CA ALA A 394 6.74 2.37 -14.70
C ALA A 394 5.52 3.15 -14.21
N HIS A 395 4.72 3.66 -15.14
CA HIS A 395 3.67 4.59 -14.75
C HIS A 395 2.58 3.88 -13.95
N ASP A 396 2.07 2.76 -14.46
CA ASP A 396 0.98 2.05 -13.83
C ASP A 396 1.43 0.87 -12.96
N TYR A 397 2.70 0.49 -13.03
CA TYR A 397 3.08 -0.76 -12.39
C TYR A 397 4.54 -0.71 -11.98
N THR A 398 4.88 -1.60 -11.05
CA THR A 398 6.26 -1.84 -10.62
C THR A 398 6.59 -3.26 -10.95
N LEU A 399 7.84 -3.47 -11.39
CA LEU A 399 8.33 -4.80 -11.75
C LEU A 399 9.40 -5.18 -10.75
N ARG A 400 9.26 -6.34 -10.13
CA ARG A 400 10.24 -6.79 -9.16
C ARG A 400 10.85 -8.07 -9.67
N GLU A 401 12.17 -8.06 -9.83
CA GLU A 401 12.90 -9.22 -10.31
C GLU A 401 13.30 -10.02 -9.08
N LEU A 402 12.59 -11.13 -8.83
CA LEU A 402 12.81 -12.00 -7.68
C LEU A 402 13.61 -13.24 -8.07
N LYS A 403 14.40 -13.71 -7.14
CA LYS A 403 15.11 -14.97 -7.30
C LYS A 403 14.57 -15.92 -6.25
N LEU A 404 14.05 -17.05 -6.71
CA LEU A 404 13.38 -18.06 -5.91
C LEU A 404 14.23 -19.32 -5.92
N SER A 405 14.52 -19.85 -4.73
CA SER A 405 15.18 -21.16 -4.64
C SER A 405 14.73 -21.90 -3.38
N LYS A 406 15.03 -23.19 -3.33
CA LYS A 406 14.70 -24.01 -2.16
C LYS A 406 15.89 -24.03 -1.21
N VAL A 407 15.65 -23.78 0.08
CA VAL A 407 16.78 -23.66 1.01
C VAL A 407 17.50 -24.99 1.06
N GLY A 408 18.81 -24.95 1.18
CA GLY A 408 19.54 -26.21 1.28
C GLY A 408 19.66 -26.96 -0.02
N GLN A 409 19.38 -26.32 -1.16
CA GLN A 409 19.38 -27.03 -2.44
C GLN A 409 19.74 -26.00 -3.51
N GLY A 410 21.03 -25.74 -3.62
CA GLY A 410 21.50 -24.90 -4.68
C GLY A 410 21.30 -25.59 -6.01
N ASN A 411 21.03 -24.76 -7.01
CA ASN A 411 20.78 -25.18 -8.37
C ASN A 411 19.28 -25.19 -8.66
N THR A 412 18.45 -25.01 -7.64
CA THR A 412 17.03 -24.88 -7.89
C THR A 412 16.61 -23.44 -8.17
N GLU A 413 17.54 -22.50 -8.18
CA GLU A 413 17.20 -21.10 -8.32
C GLU A 413 16.58 -20.80 -9.68
N ARG A 414 15.63 -19.86 -9.72
CA ARG A 414 15.04 -19.43 -10.99
C ARG A 414 14.53 -18.02 -10.71
N THR A 415 14.50 -17.21 -11.75
CA THR A 415 14.01 -15.86 -11.62
C THR A 415 12.50 -15.84 -11.78
N VAL A 416 11.81 -15.18 -10.85
CA VAL A 416 10.36 -14.97 -10.96
C VAL A 416 10.13 -13.47 -11.07
N TRP A 417 9.41 -13.05 -12.10
CA TRP A 417 9.20 -11.65 -12.41
C TRP A 417 7.83 -11.25 -11.88
N GLN A 418 7.81 -10.29 -10.96
CA GLN A 418 6.57 -9.88 -10.31
C GLN A 418 6.14 -8.57 -10.92
N TYR A 419 5.00 -8.60 -11.59
CA TYR A 419 4.40 -7.45 -12.24
C TYR A 419 3.28 -6.93 -11.33
N HIS A 420 3.48 -5.76 -10.76
CA HIS A 420 2.58 -5.27 -9.72
C HIS A 420 1.88 -4.05 -10.27
N PHE A 421 0.67 -4.27 -10.81
CA PHE A 421 -0.16 -3.16 -11.28
C PHE A 421 -0.73 -2.42 -10.08
N ARG A 422 -0.46 -1.12 -10.00
CA ARG A 422 -0.74 -0.30 -8.81
C ARG A 422 -1.86 0.73 -8.96
N THR A 423 -2.27 1.06 -10.19
CA THR A 423 -3.20 2.15 -10.42
C THR A 423 -4.63 1.69 -10.70
N TRP A 424 -4.97 0.46 -10.40
CA TRP A 424 -6.35 0.06 -10.62
C TRP A 424 -7.24 0.79 -9.61
N PRO A 425 -8.35 1.36 -10.05
CA PRO A 425 -9.23 2.06 -9.10
C PRO A 425 -9.75 1.18 -7.95
N ASP A 426 -10.01 1.82 -6.80
CA ASP A 426 -10.51 1.01 -5.69
C ASP A 426 -11.88 0.41 -6.00
N HIS A 427 -12.73 1.10 -6.75
CA HIS A 427 -14.05 0.62 -7.16
C HIS A 427 -14.15 0.68 -8.67
N GLY A 428 -14.86 -0.28 -9.30
CA GLY A 428 -15.00 -0.15 -10.75
C GLY A 428 -13.73 -0.52 -11.53
N VAL A 429 -13.63 -0.02 -12.75
CA VAL A 429 -12.51 -0.36 -13.63
C VAL A 429 -11.91 0.92 -14.18
N PRO A 430 -10.75 0.88 -14.85
CA PRO A 430 -10.19 2.09 -15.49
C PRO A 430 -11.09 2.63 -16.59
N SER A 431 -11.05 3.95 -16.76
CA SER A 431 -11.79 4.55 -17.87
C SER A 431 -11.14 4.25 -19.23
N ASP A 432 -9.84 3.95 -19.26
CA ASP A 432 -9.16 3.65 -20.52
C ASP A 432 -8.36 2.36 -20.37
N PRO A 433 -8.34 1.50 -21.37
CA PRO A 433 -7.64 0.20 -21.23
C PRO A 433 -6.16 0.24 -21.59
N GLY A 434 -5.67 1.39 -22.05
CA GLY A 434 -4.33 1.51 -22.59
C GLY A 434 -3.33 0.93 -21.62
N GLY A 435 -3.32 1.43 -20.39
CA GLY A 435 -2.27 1.00 -19.46
C GLY A 435 -2.36 -0.47 -19.14
N VAL A 436 -3.57 -0.99 -19.00
CA VAL A 436 -3.73 -2.42 -18.79
C VAL A 436 -3.13 -3.20 -19.95
N LEU A 437 -3.33 -2.70 -21.18
CA LEU A 437 -2.83 -3.41 -22.34
C LEU A 437 -1.33 -3.37 -22.43
N ASP A 438 -0.73 -2.21 -22.18
CA ASP A 438 0.75 -2.09 -22.13
C ASP A 438 1.32 -3.05 -21.10
N PHE A 439 0.62 -3.16 -19.97
CA PHE A 439 0.94 -4.12 -18.92
C PHE A 439 0.90 -5.56 -19.42
N LEU A 440 -0.26 -5.99 -19.90
CA LEU A 440 -0.38 -7.37 -20.34
C LEU A 440 0.62 -7.70 -21.43
N GLU A 441 0.89 -6.74 -22.31
CA GLU A 441 1.85 -6.97 -23.38
C GLU A 441 3.24 -7.26 -22.81
N GLU A 442 3.73 -6.42 -21.87
CA GLU A 442 5.01 -6.71 -21.23
C GLU A 442 5.00 -8.08 -20.60
N VAL A 443 3.93 -8.38 -19.85
CA VAL A 443 3.88 -9.66 -19.14
C VAL A 443 3.94 -10.80 -20.15
N HIS A 444 3.18 -10.68 -21.24
CA HIS A 444 3.19 -11.77 -22.22
C HIS A 444 4.59 -11.98 -22.78
N HIS A 445 5.32 -10.91 -23.06
CA HIS A 445 6.64 -11.03 -23.70
C HIS A 445 7.66 -11.64 -22.74
N LYS A 446 7.59 -11.27 -21.47
CA LYS A 446 8.41 -11.92 -20.45
C LYS A 446 8.13 -13.43 -20.40
N GLN A 447 6.85 -13.82 -20.25
CA GLN A 447 6.51 -15.24 -20.20
C GLN A 447 7.04 -15.97 -21.42
N GLU A 448 6.76 -15.42 -22.60
CA GLU A 448 7.17 -16.05 -23.86
C GLU A 448 8.67 -16.21 -23.95
N SER A 449 9.42 -15.31 -23.34
CA SER A 449 10.87 -15.36 -23.40
C SER A 449 11.48 -16.44 -22.51
N ILE A 450 10.70 -17.10 -21.67
CA ILE A 450 11.31 -18.04 -20.74
C ILE A 450 10.91 -19.45 -21.15
N MET A 451 11.91 -20.26 -21.48
CA MET A 451 11.64 -21.57 -22.03
C MET A 451 11.01 -22.47 -20.95
N ASP A 452 9.90 -23.11 -21.27
CA ASP A 452 9.25 -24.06 -20.36
C ASP A 452 8.80 -23.40 -19.06
N ALA A 453 8.50 -22.12 -19.09
CA ALA A 453 7.91 -21.48 -17.92
C ALA A 453 6.55 -22.11 -17.62
N GLY A 454 6.24 -22.24 -16.32
CA GLY A 454 4.95 -22.67 -15.85
C GLY A 454 3.83 -21.64 -16.01
N PRO A 455 2.64 -21.95 -15.46
CA PRO A 455 1.52 -21.00 -15.51
C PRO A 455 1.89 -19.62 -14.98
N VAL A 456 1.28 -18.57 -15.56
CA VAL A 456 1.41 -17.22 -15.03
C VAL A 456 0.54 -17.12 -13.76
N VAL A 457 1.15 -16.73 -12.62
CA VAL A 457 0.31 -16.57 -11.43
C VAL A 457 -0.37 -15.20 -11.49
N VAL A 458 -1.69 -15.16 -11.32
CA VAL A 458 -2.42 -13.89 -11.25
C VAL A 458 -3.24 -13.85 -9.95
N HIS A 459 -3.18 -12.72 -9.21
CA HIS A 459 -3.99 -12.57 -8.01
C HIS A 459 -4.41 -11.11 -7.82
N CYS A 460 -5.51 -10.93 -7.07
CA CYS A 460 -5.88 -9.63 -6.52
C CYS A 460 -6.14 -9.85 -5.04
N SER A 461 -7.35 -9.57 -4.56
CA SER A 461 -7.70 -9.77 -3.15
C SER A 461 -8.32 -11.16 -3.02
N ALA A 462 -9.52 -11.31 -3.58
CA ALA A 462 -10.18 -12.60 -3.63
C ALA A 462 -9.77 -13.45 -4.84
N GLY A 463 -9.13 -12.89 -5.86
CA GLY A 463 -8.68 -13.72 -6.98
C GLY A 463 -9.75 -14.17 -7.95
N ILE A 464 -10.88 -13.50 -7.96
CA ILE A 464 -11.86 -13.80 -9.00
C ILE A 464 -12.20 -12.59 -9.85
N GLY A 465 -12.19 -11.36 -9.30
CA GLY A 465 -12.73 -10.25 -10.09
C GLY A 465 -11.77 -9.51 -10.99
N ARG A 466 -10.89 -8.69 -10.44
CA ARG A 466 -9.80 -8.18 -11.27
C ARG A 466 -9.04 -9.33 -11.91
N THR A 467 -8.87 -10.41 -11.17
CA THR A 467 -8.00 -11.48 -11.66
C THR A 467 -8.60 -12.14 -12.89
N GLY A 468 -9.90 -12.45 -12.84
CA GLY A 468 -10.53 -13.03 -14.01
C GLY A 468 -10.60 -12.07 -15.19
N THR A 469 -10.76 -10.77 -14.90
CA THR A 469 -10.77 -9.79 -15.96
C THR A 469 -9.44 -9.78 -16.71
N PHE A 470 -8.34 -9.64 -15.99
CA PHE A 470 -7.01 -9.71 -16.61
C PHE A 470 -6.77 -11.01 -17.36
N ILE A 471 -7.07 -12.15 -16.76
CA ILE A 471 -6.86 -13.42 -17.47
C ILE A 471 -7.73 -13.49 -18.74
N VAL A 472 -9.01 -13.14 -18.64
CA VAL A 472 -9.89 -13.25 -19.83
C VAL A 472 -9.40 -12.33 -20.93
N ILE A 473 -9.00 -11.11 -20.58
CA ILE A 473 -8.47 -10.20 -21.60
C ILE A 473 -7.26 -10.83 -22.28
N ASP A 474 -6.37 -11.41 -21.46
CA ASP A 474 -5.16 -12.03 -21.96
C ASP A 474 -5.47 -13.21 -22.85
N ILE A 475 -6.52 -13.95 -22.53
CA ILE A 475 -6.84 -15.11 -23.37
C ILE A 475 -7.29 -14.64 -24.74
N LEU A 476 -8.15 -13.61 -24.76
CA LEU A 476 -8.70 -13.12 -26.02
C LEU A 476 -7.60 -12.51 -26.87
N ILE A 477 -6.73 -11.71 -26.24
CA ILE A 477 -5.65 -11.09 -26.99
C ILE A 477 -4.73 -12.15 -27.54
N ASP A 478 -4.56 -13.26 -26.82
CA ASP A 478 -3.69 -14.31 -27.31
C ASP A 478 -4.21 -14.89 -28.62
N ILE A 479 -5.53 -15.15 -28.71
CA ILE A 479 -6.11 -15.60 -29.96
C ILE A 479 -5.71 -14.66 -31.08
N ILE A 480 -5.93 -13.37 -30.86
CA ILE A 480 -5.68 -12.39 -31.90
C ILE A 480 -4.21 -12.32 -32.24
N ARG A 481 -3.34 -12.34 -31.21
CA ARG A 481 -1.89 -12.32 -31.44
C ARG A 481 -1.47 -13.42 -32.40
N GLU A 482 -2.04 -14.60 -32.22
CA GLU A 482 -1.64 -15.76 -33.01
C GLU A 482 -2.34 -15.81 -34.37
N LYS A 483 -3.56 -15.30 -34.49
CA LYS A 483 -4.38 -15.43 -35.70
C LYS A 483 -4.63 -14.10 -36.38
N GLY A 484 -4.17 -13.01 -35.84
CA GLY A 484 -4.46 -11.72 -36.44
C GLY A 484 -5.93 -11.39 -36.31
N VAL A 485 -6.29 -10.21 -36.81
CA VAL A 485 -7.66 -9.71 -36.73
C VAL A 485 -8.67 -10.55 -37.48
N ASP A 486 -8.22 -11.49 -38.31
CA ASP A 486 -9.14 -12.33 -39.11
CA ASP A 486 -9.13 -12.32 -39.11
C ASP A 486 -9.46 -13.63 -38.40
N CYS A 487 -10.02 -13.50 -37.19
CA CYS A 487 -10.30 -14.65 -36.33
C CYS A 487 -11.60 -14.40 -35.57
N ASP A 488 -12.16 -15.48 -35.04
CA ASP A 488 -13.41 -15.43 -34.29
C ASP A 488 -13.09 -15.38 -32.81
N ILE A 489 -13.82 -14.51 -32.09
CA ILE A 489 -13.75 -14.41 -30.65
C ILE A 489 -15.18 -14.45 -30.11
N ASP A 490 -15.32 -14.96 -28.89
CA ASP A 490 -16.61 -15.12 -28.20
C ASP A 490 -16.35 -14.78 -26.74
N VAL A 491 -16.75 -13.58 -26.34
CA VAL A 491 -16.38 -13.05 -25.02
C VAL A 491 -17.11 -13.83 -23.94
N PRO A 492 -18.43 -13.93 -23.99
CA PRO A 492 -19.11 -14.70 -22.92
C PRO A 492 -18.71 -16.15 -22.91
N LYS A 493 -18.42 -16.74 -24.08
CA LYS A 493 -18.08 -18.16 -24.09
C LYS A 493 -16.79 -18.39 -23.33
N THR A 494 -15.85 -17.46 -23.49
CA THR A 494 -14.55 -17.59 -22.85
C THR A 494 -14.66 -17.37 -21.37
N ILE A 495 -15.48 -16.39 -20.97
CA ILE A 495 -15.76 -16.14 -19.56
C ILE A 495 -16.39 -17.37 -18.92
N GLN A 496 -17.39 -17.97 -19.56
CA GLN A 496 -18.01 -19.17 -18.99
C GLN A 496 -16.99 -20.28 -18.79
N MET A 497 -16.13 -20.47 -19.77
CA MET A 497 -15.05 -21.44 -19.70
C MET A 497 -14.06 -21.16 -18.58
N VAL A 498 -13.68 -19.89 -18.37
CA VAL A 498 -12.84 -19.62 -17.22
C VAL A 498 -13.61 -19.80 -15.90
N ARG A 499 -14.89 -19.43 -15.85
CA ARG A 499 -15.71 -19.65 -14.63
C ARG A 499 -15.96 -21.13 -14.28
N SER A 500 -15.82 -22.09 -15.22
CA SER A 500 -15.90 -23.48 -14.81
C SER A 500 -14.62 -23.94 -14.11
N GLN A 501 -13.60 -23.09 -14.08
CA GLN A 501 -12.36 -23.49 -13.44
C GLN A 501 -12.05 -22.71 -12.17
N ARG A 502 -12.70 -21.56 -11.95
CA ARG A 502 -12.68 -20.90 -10.64
C ARG A 502 -13.96 -20.07 -10.53
N SER A 503 -14.62 -20.12 -9.38
CA SER A 503 -15.95 -19.51 -9.18
C SER A 503 -15.92 -18.00 -9.44
N GLY A 504 -16.96 -17.48 -10.10
CA GLY A 504 -17.12 -16.03 -10.32
C GLY A 504 -16.00 -15.30 -11.03
N MET A 505 -15.27 -15.96 -11.88
CA MET A 505 -14.25 -15.24 -12.63
C MET A 505 -14.91 -14.15 -13.47
N VAL A 506 -14.54 -12.89 -13.24
CA VAL A 506 -15.19 -11.68 -13.79
C VAL A 506 -16.47 -11.42 -12.97
N GLN A 507 -16.47 -10.33 -12.21
CA GLN A 507 -17.52 -10.07 -11.22
C GLN A 507 -18.68 -9.20 -11.72
N THR A 508 -18.41 -8.16 -12.48
CA THR A 508 -19.40 -7.13 -12.72
C THR A 508 -19.50 -6.87 -14.22
N GLU A 509 -20.64 -6.27 -14.57
CA GLU A 509 -20.90 -5.76 -15.92
C GLU A 509 -19.86 -4.74 -16.35
N ALA A 510 -19.40 -3.92 -15.42
CA ALA A 510 -18.32 -2.98 -15.69
C ALA A 510 -17.05 -3.68 -16.16
N GLN A 511 -16.62 -4.74 -15.46
CA GLN A 511 -15.49 -5.50 -15.99
C GLN A 511 -15.82 -6.11 -17.35
N TYR A 512 -17.04 -6.59 -17.51
CA TYR A 512 -17.44 -7.18 -18.77
C TYR A 512 -17.24 -6.19 -19.91
N ARG A 513 -17.80 -4.99 -19.77
CA ARG A 513 -17.60 -3.93 -20.75
C ARG A 513 -16.12 -3.61 -20.93
N PHE A 514 -15.37 -3.63 -19.84
CA PHE A 514 -13.96 -3.27 -19.92
C PHE A 514 -13.16 -4.30 -20.72
N ILE A 515 -13.48 -5.60 -20.57
CA ILE A 515 -12.88 -6.62 -21.43
C ILE A 515 -13.19 -6.33 -22.91
N TYR A 516 -14.45 -6.00 -23.23
CA TYR A 516 -14.73 -5.62 -24.62
C TYR A 516 -13.86 -4.46 -25.05
N MET A 517 -13.91 -3.37 -24.27
CA MET A 517 -13.24 -2.12 -24.61
C MET A 517 -11.75 -2.35 -24.73
N ALA A 518 -11.20 -3.25 -23.93
CA ALA A 518 -9.78 -3.53 -24.05
C ALA A 518 -9.47 -4.24 -25.36
N VAL A 519 -10.28 -5.24 -25.70
CA VAL A 519 -10.02 -6.01 -26.91
C VAL A 519 -10.20 -5.12 -28.13
N GLN A 520 -11.23 -4.27 -28.11
CA GLN A 520 -11.37 -3.25 -29.15
C GLN A 520 -10.10 -2.44 -29.30
N HIS A 521 -9.61 -1.87 -28.21
CA HIS A 521 -8.44 -1.00 -28.30
C HIS A 521 -7.21 -1.77 -28.78
N TYR A 522 -7.12 -3.06 -28.45
CA TYR A 522 -5.96 -3.81 -28.94
C TYR A 522 -6.05 -4.02 -30.44
N ILE A 523 -7.26 -4.28 -30.95
CA ILE A 523 -7.47 -4.49 -32.38
C ILE A 523 -7.10 -3.25 -33.17
N GLU A 524 -7.30 -2.07 -32.60
CA GLU A 524 -7.06 -0.81 -33.30
C GLU A 524 -5.62 -0.29 -33.17
N THR A 525 -4.79 -0.92 -32.34
CA THR A 525 -3.37 -0.58 -32.23
C THR A 525 -2.51 -1.34 -33.25
N LEU A 526 -3.04 -2.41 -33.81
CA LEU A 526 -2.30 -3.20 -34.78
C LEU A 526 -2.20 -2.52 -36.15
N SER B 4 31.73 22.03 19.58
CA SER B 4 32.57 21.91 18.37
C SER B 4 32.34 20.60 17.59
N ARG B 5 32.12 19.52 18.34
CA ARG B 5 31.87 18.18 17.80
C ARG B 5 33.02 17.65 16.97
N ARG B 6 34.22 18.19 17.14
CA ARG B 6 35.33 17.74 16.32
C ARG B 6 35.81 16.35 16.70
N TRP B 7 35.37 15.79 17.83
CA TRP B 7 35.81 14.45 18.19
C TRP B 7 35.20 13.36 17.30
N PHE B 8 34.27 13.68 16.41
CA PHE B 8 33.70 12.66 15.53
C PHE B 8 34.46 12.61 14.20
N HIS B 9 34.89 11.41 13.77
CA HIS B 9 35.64 11.29 12.51
C HIS B 9 34.82 10.53 11.48
N PRO B 10 34.24 11.18 10.49
CA PRO B 10 33.24 10.51 9.65
C PRO B 10 33.81 9.39 8.79
N ASN B 11 35.04 9.50 8.31
CA ASN B 11 35.50 8.53 7.34
C ASN B 11 36.92 8.03 7.68
N ILE B 12 37.07 7.45 8.88
CA ILE B 12 38.27 6.72 9.24
C ILE B 12 37.90 5.28 9.59
N THR B 13 38.85 4.39 9.35
CA THR B 13 38.66 3.01 9.74
C THR B 13 38.96 2.83 11.23
N GLY B 14 38.74 1.60 11.69
CA GLY B 14 39.09 1.26 13.05
C GLY B 14 40.58 1.27 13.27
N VAL B 15 41.36 0.92 12.24
CA VAL B 15 42.81 0.91 12.38
C VAL B 15 43.35 2.33 12.38
N GLU B 16 42.82 3.18 11.50
CA GLU B 16 43.21 4.58 11.52
C GLU B 16 42.93 5.20 12.88
N ALA B 17 41.79 4.87 13.48
CA ALA B 17 41.49 5.39 14.80
C ALA B 17 42.57 4.99 15.79
N GLU B 18 42.89 3.70 15.83
CA GLU B 18 43.90 3.24 16.77
C GLU B 18 45.19 4.02 16.60
N ASN B 19 45.70 4.08 15.36
CA ASN B 19 46.94 4.79 15.10
C ASN B 19 46.82 6.26 15.48
N LEU B 20 45.73 6.91 15.07
CA LEU B 20 45.52 8.31 15.40
C LEU B 20 45.65 8.53 16.90
N LEU B 21 45.02 7.67 17.69
CA LEU B 21 45.08 7.83 19.13
C LEU B 21 46.48 7.56 19.66
N LEU B 22 47.17 6.58 19.06
CA LEU B 22 48.48 6.20 19.56
C LEU B 22 49.52 7.23 19.17
N THR B 23 49.42 7.78 17.97
CA THR B 23 50.40 8.74 17.52
C THR B 23 50.09 10.15 18.01
N ARG B 24 48.85 10.61 17.82
CA ARG B 24 48.49 12.01 18.07
C ARG B 24 47.74 12.20 19.38
N GLY B 25 47.49 11.15 20.16
CA GLY B 25 46.75 11.24 21.39
C GLY B 25 47.60 10.86 22.60
N VAL B 26 46.94 10.85 23.76
CA VAL B 26 47.50 10.44 25.04
C VAL B 26 46.44 9.65 25.80
N ASP B 27 46.76 9.21 27.01
CA ASP B 27 45.78 8.47 27.80
C ASP B 27 44.61 9.38 28.19
N GLY B 28 43.38 8.91 27.94
CA GLY B 28 42.19 9.73 28.09
C GLY B 28 41.72 10.38 26.81
N SER B 29 42.50 10.29 25.74
CA SER B 29 42.05 10.77 24.43
C SER B 29 40.96 9.86 23.88
N PHE B 30 40.07 10.43 23.08
CA PHE B 30 38.96 9.64 22.53
C PHE B 30 38.48 10.28 21.24
N LEU B 31 37.79 9.48 20.44
CA LEU B 31 37.06 9.96 19.29
C LEU B 31 35.93 8.97 19.04
N ALA B 32 35.02 9.35 18.16
CA ALA B 32 33.92 8.50 17.73
C ALA B 32 33.87 8.50 16.21
N ARG B 33 33.37 7.42 15.63
CA ARG B 33 33.44 7.16 14.20
C ARG B 33 32.31 6.21 13.82
N PRO B 34 31.97 6.11 12.53
CA PRO B 34 31.06 5.05 12.07
C PRO B 34 31.70 3.67 12.10
N SER B 35 30.88 2.65 12.35
CA SER B 35 31.43 1.33 12.64
C SER B 35 32.19 0.72 11.46
N LYS B 36 31.66 0.86 10.25
CA LYS B 36 32.23 0.21 9.06
C LYS B 36 31.92 -1.29 9.05
N SER B 37 32.05 -1.95 10.20
CA SER B 37 31.69 -3.36 10.30
C SER B 37 30.17 -3.53 10.26
N ASN B 38 29.45 -2.89 11.20
CA ASN B 38 27.99 -2.89 11.20
C ASN B 38 27.48 -1.51 10.80
N PRO B 39 27.25 -1.26 9.51
CA PRO B 39 26.72 0.04 9.11
C PRO B 39 25.41 0.34 9.83
N GLY B 40 25.27 1.58 10.27
CA GLY B 40 24.18 1.99 11.12
C GLY B 40 24.56 2.18 12.58
N ASP B 41 25.63 1.52 13.03
CA ASP B 41 26.13 1.70 14.38
C ASP B 41 27.28 2.70 14.38
N PHE B 42 27.88 2.89 15.55
CA PHE B 42 29.03 3.77 15.69
C PHE B 42 29.96 3.15 16.69
N THR B 43 31.14 3.75 16.83
CA THR B 43 32.13 3.22 17.76
C THR B 43 32.80 4.36 18.53
N LEU B 44 32.92 4.18 19.84
CA LEU B 44 33.69 5.08 20.68
C LEU B 44 35.07 4.48 20.87
N SER B 45 36.10 5.20 20.42
CA SER B 45 37.48 4.74 20.53
C SER B 45 38.26 5.58 21.54
N VAL B 46 38.86 4.92 22.53
CA VAL B 46 39.39 5.56 23.73
C VAL B 46 40.76 4.96 24.07
N ARG B 47 41.71 5.83 24.39
CA ARG B 47 43.04 5.40 24.78
C ARG B 47 43.10 5.24 26.29
N ARG B 48 43.56 4.06 26.72
CA ARG B 48 43.76 3.72 28.13
C ARG B 48 45.08 2.98 28.27
N ASN B 49 45.98 3.52 29.11
CA ASN B 49 47.27 2.91 29.42
C ASN B 49 47.99 2.48 28.15
N GLY B 50 48.16 3.45 27.25
CA GLY B 50 48.84 3.21 25.99
C GLY B 50 48.13 2.22 25.08
N ALA B 51 46.92 1.84 25.41
CA ALA B 51 46.14 0.95 24.56
C ALA B 51 44.85 1.62 24.12
N VAL B 52 44.23 1.05 23.09
CA VAL B 52 42.99 1.57 22.55
C VAL B 52 41.89 0.55 22.80
N THR B 53 40.74 1.02 23.29
CA THR B 53 39.54 0.22 23.42
C THR B 53 38.44 0.83 22.57
N HIS B 54 37.64 -0.04 21.95
CA HIS B 54 36.54 0.36 21.08
C HIS B 54 35.21 -0.05 21.71
N ILE B 55 34.33 0.91 21.95
CA ILE B 55 33.04 0.65 22.55
C ILE B 55 31.95 0.85 21.50
N LYS B 56 31.09 -0.15 21.35
CA LYS B 56 30.01 -0.09 20.40
C LYS B 56 28.89 0.85 20.85
N ILE B 57 28.33 1.55 19.88
CA ILE B 57 27.14 2.39 20.02
C ILE B 57 26.16 1.94 18.96
N GLN B 58 25.00 1.46 19.39
CA GLN B 58 23.95 1.05 18.48
C GLN B 58 22.85 2.08 18.43
N ASN B 59 22.28 2.21 17.25
CA ASN B 59 21.06 3.00 17.08
C ASN B 59 20.19 2.31 16.04
N THR B 60 19.10 1.68 16.45
CA THR B 60 18.13 1.16 15.49
C THR B 60 17.05 2.15 15.13
N GLY B 61 17.08 3.36 15.70
CA GLY B 61 16.03 4.31 15.44
C GLY B 61 15.41 4.95 16.66
N ASP B 62 15.66 4.43 17.85
CA ASP B 62 15.02 4.96 19.06
C ASP B 62 15.96 5.84 19.91
N TYR B 63 17.27 5.54 19.92
CA TYR B 63 18.25 6.21 20.76
C TYR B 63 19.62 5.59 20.51
N TYR B 64 20.66 6.26 21.01
CA TYR B 64 22.03 5.74 20.92
C TYR B 64 22.26 4.92 22.18
N ASP B 65 22.62 3.67 21.98
CA ASP B 65 22.76 2.70 23.06
C ASP B 65 24.22 2.32 23.16
N LEU B 66 24.90 2.79 24.21
CA LEU B 66 26.32 2.55 24.39
C LEU B 66 26.51 1.26 25.15
N TYR B 67 27.30 0.34 24.57
CA TYR B 67 27.48 -0.97 25.18
C TYR B 67 28.12 -0.82 26.55
N GLY B 68 27.49 -1.43 27.56
CA GLY B 68 27.95 -1.30 28.92
C GLY B 68 27.81 0.08 29.48
N GLY B 69 26.92 0.89 28.91
CA GLY B 69 26.73 2.28 29.30
C GLY B 69 25.28 2.67 29.34
N GLU B 70 24.97 3.91 28.95
CA GLU B 70 23.59 4.42 29.00
C GLU B 70 23.10 4.69 27.59
N LYS B 71 21.84 5.08 27.51
CA LYS B 71 21.19 5.44 26.25
C LYS B 71 21.02 6.95 26.22
N PHE B 72 21.37 7.56 25.09
CA PHE B 72 21.39 9.00 24.93
C PHE B 72 20.65 9.41 23.67
N ALA B 73 20.23 10.69 23.64
CA ALA B 73 19.51 11.25 22.47
C ALA B 73 20.43 11.68 21.33
N THR B 74 21.69 12.04 21.61
CA THR B 74 22.63 12.44 20.56
C THR B 74 24.02 12.05 21.00
N LEU B 75 24.91 11.84 20.02
CA LEU B 75 26.30 11.53 20.39
C LEU B 75 26.89 12.66 21.22
N ALA B 76 26.55 13.91 20.88
CA ALA B 76 27.10 15.03 21.66
C ALA B 76 26.67 14.95 23.11
N GLU B 77 25.40 14.63 23.38
CA GLU B 77 24.95 14.56 24.76
C GLU B 77 25.63 13.40 25.47
N LEU B 78 25.87 12.32 24.74
CA LEU B 78 26.65 11.23 25.29
C LEU B 78 28.02 11.72 25.75
N VAL B 79 28.77 12.33 24.83
CA VAL B 79 30.10 12.80 25.16
C VAL B 79 30.04 13.78 26.32
N GLN B 80 29.15 14.75 26.24
CA GLN B 80 29.01 15.69 27.34
C GLN B 80 28.70 14.97 28.65
N TYR B 81 27.80 13.99 28.63
CA TYR B 81 27.49 13.27 29.86
C TYR B 81 28.75 12.70 30.51
N TYR B 82 29.57 12.00 29.73
CA TYR B 82 30.72 11.34 30.30
C TYR B 82 31.89 12.29 30.56
N MET B 83 32.03 13.37 29.81
CA MET B 83 33.13 14.29 30.11
C MET B 83 32.97 14.92 31.48
N GLU B 84 31.73 15.06 31.98
CA GLU B 84 31.49 15.72 33.26
C GLU B 84 30.84 14.77 34.26
N HIS B 85 29.55 14.45 34.08
CA HIS B 85 28.80 13.64 35.04
C HIS B 85 29.47 12.30 35.31
N HIS B 86 30.42 11.86 34.47
CA HIS B 86 31.26 10.69 34.72
C HIS B 86 30.42 9.41 34.82
N GLY B 87 31.09 8.27 35.03
CA GLY B 87 30.43 7.02 35.30
C GLY B 87 30.37 6.11 34.10
N GLN B 88 31.51 5.67 33.57
CA GLN B 88 31.55 4.77 32.41
C GLN B 88 32.43 3.56 32.74
N LEU B 89 31.78 2.48 33.21
CA LEU B 89 32.50 1.34 33.79
C LEU B 89 33.00 0.35 32.74
N LYS B 90 32.67 0.52 31.46
CA LYS B 90 33.13 -0.42 30.45
C LYS B 90 34.65 -0.47 30.47
N ASP B 95 35.82 -1.57 34.86
CA ASP B 95 36.96 -0.68 34.69
C ASP B 95 36.51 0.70 34.22
N VAL B 96 36.87 1.73 34.97
CA VAL B 96 36.50 3.09 34.58
C VAL B 96 37.23 3.45 33.29
N ILE B 97 36.48 3.98 32.34
CA ILE B 97 37.05 4.50 31.11
C ILE B 97 36.84 6.00 31.14
N GLU B 98 37.92 6.76 31.22
CA GLU B 98 37.82 8.21 31.28
C GLU B 98 37.79 8.81 29.87
N LEU B 99 36.87 9.74 29.66
CA LEU B 99 36.84 10.57 28.45
C LEU B 99 37.38 11.94 28.84
N LYS B 100 38.66 12.21 28.53
CA LYS B 100 39.35 13.42 28.93
C LYS B 100 39.61 14.35 27.75
N TYR B 101 40.22 13.86 26.68
CA TYR B 101 40.74 14.72 25.60
C TYR B 101 40.15 14.34 24.24
N PRO B 102 39.23 15.14 23.71
CA PRO B 102 38.80 14.91 22.33
C PRO B 102 39.99 14.94 21.41
N LEU B 103 40.08 13.94 20.54
CA LEU B 103 41.02 13.97 19.43
C LEU B 103 40.28 14.53 18.21
N ASN B 104 40.57 15.77 17.84
CA ASN B 104 39.76 16.45 16.85
C ASN B 104 40.08 15.98 15.44
N CYS B 105 39.06 16.00 14.59
CA CYS B 105 39.18 15.62 13.19
C CYS B 105 39.49 16.85 12.34
N ALA B 106 40.27 16.66 11.30
CA ALA B 106 40.57 17.79 10.43
C ALA B 106 39.80 17.72 9.13
N ASP B 107 39.19 16.58 8.87
CA ASP B 107 38.38 16.42 7.68
C ASP B 107 37.32 17.53 7.71
N PRO B 108 37.12 18.27 6.59
CA PRO B 108 36.04 19.27 6.55
C PRO B 108 34.79 18.83 5.79
N THR B 109 34.64 17.57 5.45
CA THR B 109 33.56 17.10 4.57
C THR B 109 32.17 17.23 5.18
N SER B 110 32.05 17.31 6.50
CA SER B 110 30.74 17.51 7.12
C SER B 110 30.46 18.96 7.55
N GLU B 111 31.33 19.89 7.23
CA GLU B 111 31.05 21.30 7.50
C GLU B 111 30.05 21.82 6.49
N ARG B 112 29.13 22.68 6.94
CA ARG B 112 28.10 23.21 6.06
C ARG B 112 28.70 23.95 4.83
N TRP B 113 29.83 24.64 5.00
CA TRP B 113 30.35 25.53 3.96
C TRP B 113 31.31 24.84 3.00
N PHE B 114 31.61 23.56 3.19
CA PHE B 114 32.52 22.88 2.29
C PHE B 114 31.78 22.20 1.12
N HIS B 115 32.23 22.50 -0.11
CA HIS B 115 31.64 21.94 -1.33
C HIS B 115 32.59 21.10 -2.15
N GLY B 116 33.77 20.78 -1.65
CA GLY B 116 34.74 20.01 -2.42
C GLY B 116 34.90 20.41 -3.88
N HIS B 117 34.57 19.51 -4.81
CA HIS B 117 34.69 19.84 -6.22
C HIS B 117 33.65 20.88 -6.63
N LEU B 118 34.11 21.97 -7.23
CA LEU B 118 33.18 23.02 -7.64
C LEU B 118 33.91 24.14 -8.34
N SER B 119 33.42 24.53 -9.52
CA SER B 119 34.10 25.53 -10.33
C SER B 119 33.99 26.90 -9.70
N GLY B 120 34.84 27.81 -10.16
CA GLY B 120 34.69 29.19 -9.75
C GLY B 120 33.40 29.81 -10.24
N LYS B 121 33.00 29.50 -11.48
CA LYS B 121 31.76 30.05 -12.03
C LYS B 121 30.54 29.39 -11.38
N GLU B 122 30.52 28.06 -11.33
CA GLU B 122 29.47 27.36 -10.61
C GLU B 122 29.29 27.93 -9.20
N ALA B 123 30.41 28.18 -8.50
CA ALA B 123 30.35 28.81 -7.18
C ALA B 123 29.75 30.19 -7.28
N GLU B 124 30.08 30.93 -8.35
CA GLU B 124 29.55 32.28 -8.50
C GLU B 124 28.06 32.23 -8.81
N LYS B 125 27.64 31.25 -9.60
CA LYS B 125 26.21 31.12 -9.90
C LYS B 125 25.44 30.79 -8.62
N LEU B 126 25.94 29.84 -7.83
CA LEU B 126 25.31 29.51 -6.55
C LEU B 126 25.23 30.74 -5.67
N LEU B 127 26.39 31.34 -5.37
CA LEU B 127 26.39 32.53 -4.53
C LEU B 127 25.49 33.61 -5.09
N THR B 128 25.36 33.66 -6.42
CA THR B 128 24.61 34.75 -7.04
C THR B 128 23.12 34.61 -6.80
N GLU B 129 22.56 33.45 -7.13
CA GLU B 129 21.11 33.24 -7.07
C GLU B 129 20.63 32.89 -5.67
N LYS B 130 21.49 32.26 -4.86
CA LYS B 130 21.12 31.75 -3.55
C LYS B 130 21.72 32.52 -2.38
N GLY B 131 22.87 33.18 -2.57
CA GLY B 131 23.56 33.79 -1.45
C GLY B 131 23.06 35.19 -1.13
N LYS B 132 23.46 35.66 0.05
CA LYS B 132 23.26 37.05 0.43
C LYS B 132 24.58 37.59 0.96
N HIS B 133 24.56 38.78 1.56
CA HIS B 133 25.78 39.34 2.14
C HIS B 133 26.30 38.46 3.28
N GLY B 134 27.57 38.02 3.18
CA GLY B 134 28.14 37.09 4.14
C GLY B 134 28.03 35.63 3.76
N SER B 135 27.30 35.29 2.72
CA SER B 135 27.27 33.90 2.30
C SER B 135 28.63 33.53 1.73
N PHE B 136 29.10 32.34 2.10
CA PHE B 136 30.44 31.94 1.74
C PHE B 136 30.49 30.44 1.63
N LEU B 137 31.52 29.95 0.94
CA LEU B 137 31.78 28.52 0.78
C LEU B 137 33.27 28.33 0.51
N VAL B 138 33.72 27.08 0.63
CA VAL B 138 35.10 26.71 0.43
C VAL B 138 35.11 25.51 -0.49
N ARG B 139 35.87 25.60 -1.59
CA ARG B 139 35.92 24.62 -2.66
C ARG B 139 37.37 24.25 -2.94
N GLU B 140 37.55 23.09 -3.57
CA GLU B 140 38.86 22.70 -4.08
C GLU B 140 39.18 23.56 -5.29
N SER B 141 40.41 24.09 -5.32
CA SER B 141 40.83 24.90 -6.46
C SER B 141 41.12 23.98 -7.65
N GLN B 142 40.64 24.35 -8.82
CA GLN B 142 40.92 23.56 -10.01
C GLN B 142 42.14 24.04 -10.78
N SER B 143 42.61 25.26 -10.51
CA SER B 143 43.85 25.72 -11.13
C SER B 143 45.10 25.29 -10.38
N HIS B 144 45.03 25.11 -9.06
CA HIS B 144 46.18 24.70 -8.26
C HIS B 144 45.81 23.45 -7.48
N PRO B 145 45.94 22.27 -8.08
CA PRO B 145 45.45 21.06 -7.42
C PRO B 145 46.06 20.93 -6.03
N GLY B 146 45.23 20.58 -5.04
CA GLY B 146 45.65 20.54 -3.66
C GLY B 146 45.40 21.82 -2.89
N ASP B 147 45.15 22.92 -3.58
CA ASP B 147 44.75 24.18 -2.95
C ASP B 147 43.21 24.29 -2.83
N PHE B 148 42.75 25.33 -2.14
CA PHE B 148 41.31 25.56 -2.00
C PHE B 148 40.99 27.01 -2.30
N VAL B 149 39.70 27.32 -2.39
CA VAL B 149 39.28 28.68 -2.64
C VAL B 149 38.14 29.02 -1.69
N LEU B 150 38.25 30.15 -1.02
CA LEU B 150 37.15 30.70 -0.23
C LEU B 150 36.41 31.70 -1.11
N SER B 151 35.13 31.44 -1.34
CA SER B 151 34.29 32.31 -2.15
C SER B 151 33.21 32.89 -1.25
N VAL B 152 33.18 34.21 -1.17
CA VAL B 152 32.26 34.94 -0.31
C VAL B 152 31.52 35.94 -1.18
N ARG B 153 30.28 36.22 -0.79
CA ARG B 153 29.51 37.32 -1.35
C ARG B 153 29.34 38.42 -0.31
N THR B 154 29.49 39.66 -0.75
CA THR B 154 29.27 40.82 0.09
C THR B 154 28.57 41.86 -0.78
N GLY B 155 27.63 42.58 -0.19
CA GLY B 155 26.93 43.57 -0.99
C GLY B 155 25.66 44.04 -0.34
N ASP B 156 24.69 44.38 -1.20
CA ASP B 156 23.44 45.02 -0.79
C ASP B 156 23.75 46.30 -0.06
N ASP B 163 22.39 45.30 -10.06
CA ASP B 163 22.74 46.70 -9.89
C ASP B 163 24.25 46.89 -9.71
N GLY B 164 25.00 45.78 -9.80
CA GLY B 164 26.41 45.81 -9.42
C GLY B 164 26.67 46.30 -8.01
N LYS B 165 25.69 46.19 -7.11
CA LYS B 165 25.86 46.63 -5.73
C LYS B 165 26.33 45.51 -4.79
N SER B 166 26.45 44.28 -5.29
CA SER B 166 27.02 43.20 -4.51
C SER B 166 27.92 42.39 -5.43
N LYS B 167 28.87 41.68 -4.82
CA LYS B 167 29.92 41.01 -5.58
C LYS B 167 30.30 39.71 -4.88
N VAL B 168 31.02 38.87 -5.60
CA VAL B 168 31.60 37.65 -5.05
C VAL B 168 33.10 37.77 -5.18
N THR B 169 33.81 37.83 -4.06
CA THR B 169 35.26 37.86 -4.07
C THR B 169 35.80 36.47 -3.72
N HIS B 170 36.82 36.03 -4.47
CA HIS B 170 37.47 34.75 -4.23
C HIS B 170 38.78 34.97 -3.49
N VAL B 171 39.18 33.97 -2.70
CA VAL B 171 40.37 34.06 -1.85
C VAL B 171 41.06 32.71 -1.92
N MET B 172 42.28 32.68 -2.42
CA MET B 172 43.04 31.45 -2.49
C MET B 172 43.47 30.94 -1.11
N ILE B 173 43.37 29.64 -0.90
CA ILE B 173 43.78 29.02 0.35
C ILE B 173 44.89 28.05 -0.01
N ARG B 174 46.13 28.42 0.27
CA ARG B 174 47.22 27.50 -0.02
C ARG B 174 47.23 26.34 0.97
N CYS B 175 47.52 25.15 0.46
CA CYS B 175 47.81 23.98 1.29
C CYS B 175 49.29 23.65 1.13
N GLN B 176 50.07 23.96 2.16
CA GLN B 176 51.49 23.64 2.22
C GLN B 176 51.73 22.77 3.45
N GLU B 177 52.11 21.51 3.22
CA GLU B 177 52.47 20.54 4.26
C GLU B 177 51.37 20.40 5.33
N LEU B 178 50.19 20.00 4.86
CA LEU B 178 49.03 19.79 5.71
C LEU B 178 48.64 21.01 6.51
N LYS B 179 49.14 22.19 6.17
CA LYS B 179 48.77 23.42 6.85
C LYS B 179 48.12 24.37 5.85
N TYR B 180 47.15 25.15 6.32
CA TYR B 180 46.37 26.01 5.43
C TYR B 180 46.60 27.48 5.76
N ASP B 181 46.68 28.29 4.73
CA ASP B 181 46.89 29.73 4.88
C ASP B 181 46.32 30.46 3.68
N VAL B 182 46.13 31.76 3.83
CA VAL B 182 45.53 32.61 2.80
C VAL B 182 46.61 33.43 2.09
N GLY B 183 47.80 32.87 1.92
CA GLY B 183 48.89 33.58 1.29
C GLY B 183 49.82 34.32 2.24
N GLY B 184 49.49 34.39 3.54
CA GLY B 184 50.27 35.09 4.55
C GLY B 184 49.57 35.06 5.90
N GLY B 185 50.28 35.36 7.00
CA GLY B 185 49.69 35.29 8.32
C GLY B 185 49.88 33.91 8.91
N GLU B 186 48.96 33.48 9.78
CA GLU B 186 49.04 32.17 10.40
C GLU B 186 48.72 31.05 9.41
N ARG B 187 49.26 29.88 9.72
CA ARG B 187 48.98 28.64 9.00
C ARG B 187 48.18 27.73 9.92
N PHE B 188 47.15 27.10 9.37
CA PHE B 188 46.17 26.39 10.17
C PHE B 188 46.23 24.89 9.96
N ASP B 189 45.87 24.15 11.02
CA ASP B 189 45.85 22.69 10.96
C ASP B 189 44.67 22.17 10.15
N SER B 190 43.64 22.99 9.99
CA SER B 190 42.41 22.58 9.33
C SER B 190 41.76 23.76 8.61
N LEU B 191 40.99 23.45 7.58
CA LEU B 191 40.20 24.49 6.95
C LEU B 191 39.20 25.08 7.93
N THR B 192 38.66 24.21 8.79
CA THR B 192 37.78 24.67 9.85
C THR B 192 38.45 25.70 10.73
N ASP B 193 39.66 25.43 11.20
CA ASP B 193 40.36 26.42 12.01
C ASP B 193 40.46 27.73 11.23
N LEU B 194 40.81 27.63 9.95
CA LEU B 194 41.03 28.82 9.14
C LEU B 194 39.74 29.60 8.98
N VAL B 195 38.65 28.92 8.60
CA VAL B 195 37.35 29.59 8.50
C VAL B 195 36.97 30.20 9.86
N GLU B 196 37.16 29.43 10.94
CA GLU B 196 36.81 29.92 12.26
C GLU B 196 37.54 31.23 12.54
N HIS B 197 38.82 31.31 12.16
CA HIS B 197 39.59 32.52 12.43
C HIS B 197 39.09 33.70 11.62
N TYR B 198 38.86 33.51 10.32
CA TYR B 198 38.40 34.62 9.49
C TYR B 198 36.91 34.89 9.63
N LYS B 199 36.16 34.05 10.34
CA LYS B 199 34.86 34.47 10.85
C LYS B 199 35.01 35.51 11.95
N LYS B 200 35.96 35.30 12.87
CA LYS B 200 36.11 36.23 13.98
C LYS B 200 36.97 37.44 13.62
N ASN B 201 37.90 37.29 12.68
CA ASN B 201 38.73 38.39 12.20
C ASN B 201 38.67 38.42 10.68
N PRO B 202 37.55 38.89 10.12
CA PRO B 202 37.37 38.83 8.67
C PRO B 202 38.43 39.62 7.93
N MET B 203 38.69 39.20 6.71
CA MET B 203 39.67 39.84 5.87
C MET B 203 39.15 41.19 5.41
N VAL B 204 40.06 42.15 5.29
CA VAL B 204 39.72 43.53 4.94
C VAL B 204 40.50 43.92 3.69
N GLU B 205 39.79 44.14 2.59
CA GLU B 205 40.45 44.51 1.34
C GLU B 205 41.07 45.91 1.44
N THR B 206 41.90 46.25 0.46
CA THR B 206 42.58 47.55 0.48
C THR B 206 41.56 48.69 0.47
N LEU B 207 40.57 48.64 -0.41
CA LEU B 207 39.60 49.70 -0.48
C LEU B 207 38.51 49.61 0.61
N GLY B 208 38.68 48.75 1.61
CA GLY B 208 37.83 48.73 2.77
C GLY B 208 36.77 47.64 2.82
N THR B 209 36.53 46.91 1.73
CA THR B 209 35.52 45.87 1.76
C THR B 209 35.87 44.79 2.80
N VAL B 210 34.97 44.57 3.74
CA VAL B 210 35.13 43.53 4.74
C VAL B 210 34.56 42.24 4.20
N LEU B 211 35.35 41.18 4.24
CA LEU B 211 34.91 39.90 3.70
C LEU B 211 34.26 39.03 4.80
N GLN B 212 33.14 39.53 5.31
CA GLN B 212 32.52 38.90 6.48
C GLN B 212 31.97 37.52 6.13
N LEU B 213 32.48 36.48 6.81
CA LEU B 213 31.92 35.13 6.69
C LEU B 213 30.73 35.05 7.65
N LYS B 214 29.55 35.40 7.14
CA LYS B 214 28.40 35.50 8.03
C LYS B 214 27.59 34.21 8.11
N GLN B 215 27.32 33.56 6.98
CA GLN B 215 26.61 32.29 7.01
C GLN B 215 26.96 31.51 5.76
N PRO B 216 27.01 30.18 5.85
CA PRO B 216 27.41 29.39 4.67
C PRO B 216 26.31 29.39 3.63
N LEU B 217 26.71 29.20 2.38
CA LEU B 217 25.72 29.19 1.32
C LEU B 217 24.76 28.00 1.47
N ASN B 218 23.46 28.28 1.46
CA ASN B 218 22.45 27.25 1.59
C ASN B 218 22.21 26.55 0.25
N THR B 219 22.52 25.26 0.20
CA THR B 219 22.24 24.44 -0.96
C THR B 219 21.23 23.33 -0.69
N THR B 220 20.79 23.14 0.56
CA THR B 220 19.81 22.10 0.85
C THR B 220 18.38 22.53 0.53
N ARG B 221 18.09 23.83 0.61
CA ARG B 221 16.74 24.29 0.35
C ARG B 221 16.42 24.11 -1.14
N ILE B 222 15.27 23.53 -1.44
CA ILE B 222 14.92 23.19 -2.80
C ILE B 222 13.47 23.61 -3.00
N ASN B 223 13.10 23.76 -4.29
CA ASN B 223 11.72 23.87 -4.67
C ASN B 223 11.11 22.49 -4.65
N ALA B 224 9.86 22.39 -4.17
CA ALA B 224 9.22 21.09 -3.98
C ALA B 224 9.14 20.31 -5.28
N ALA B 225 9.03 21.00 -6.42
CA ALA B 225 8.93 20.30 -7.70
C ALA B 225 10.18 19.53 -8.06
N GLU B 226 11.34 19.88 -7.49
CA GLU B 226 12.59 19.21 -7.83
C GLU B 226 12.93 18.08 -6.86
N ILE B 227 11.99 17.66 -6.00
CA ILE B 227 12.32 16.69 -4.96
C ILE B 227 12.83 15.40 -5.58
N GLU B 228 12.21 14.97 -6.68
CA GLU B 228 12.60 13.72 -7.28
C GLU B 228 14.03 13.79 -7.80
N SER B 229 14.34 14.84 -8.55
CA SER B 229 15.71 15.02 -9.02
C SER B 229 16.67 15.13 -7.84
N ARG B 230 16.32 15.92 -6.83
CA ARG B 230 17.17 15.98 -5.63
C ARG B 230 17.34 14.59 -5.03
N VAL B 231 16.24 13.86 -4.86
CA VAL B 231 16.34 12.52 -4.26
C VAL B 231 17.25 11.66 -5.12
N ARG B 232 17.05 11.69 -6.43
CA ARG B 232 17.93 10.93 -7.31
C ARG B 232 19.37 11.38 -7.17
N GLU B 233 19.60 12.69 -7.07
CA GLU B 233 20.95 13.22 -6.82
C GLU B 233 21.58 12.59 -5.58
N LEU B 234 20.82 12.53 -4.46
CA LEU B 234 21.40 12.05 -3.20
C LEU B 234 21.57 10.55 -3.14
N SER B 235 20.87 9.82 -4.01
CA SER B 235 20.91 8.37 -4.01
C SER B 235 22.05 7.79 -4.84
N LYS B 236 22.93 8.61 -5.41
CA LYS B 236 24.04 8.11 -6.22
C LYS B 236 25.35 8.07 -5.44
N GLY B 247 25.86 10.78 -0.94
CA GLY B 247 24.92 11.89 -1.01
C GLY B 247 24.08 12.04 0.26
N PHE B 248 23.07 11.16 0.45
CA PHE B 248 22.24 11.22 1.66
C PHE B 248 23.12 11.22 2.93
N TRP B 249 24.16 10.39 2.93
CA TRP B 249 25.05 10.26 4.06
C TRP B 249 25.83 11.54 4.33
N GLU B 250 26.26 12.23 3.26
CA GLU B 250 26.93 13.51 3.41
C GLU B 250 26.01 14.54 4.03
N GLU B 251 24.79 14.67 3.48
CA GLU B 251 23.88 15.67 3.98
C GLU B 251 23.48 15.39 5.43
N PHE B 252 23.17 14.13 5.74
CA PHE B 252 22.76 13.79 7.09
C PHE B 252 23.89 14.04 8.09
N GLU B 253 25.08 13.54 7.79
CA GLU B 253 26.22 13.70 8.67
C GLU B 253 26.59 15.17 8.82
N THR B 254 26.41 15.97 7.75
CA THR B 254 26.58 17.42 7.88
C THR B 254 25.57 17.99 8.86
N LEU B 255 24.35 17.45 8.83
CA LEU B 255 23.34 17.84 9.81
C LEU B 255 23.73 17.39 11.21
N GLN B 256 24.18 16.14 11.35
CA GLN B 256 24.56 15.66 12.68
C GLN B 256 25.63 16.54 13.27
N GLN B 257 26.51 17.05 12.39
CA GLN B 257 27.59 17.90 12.87
C GLN B 257 27.09 19.13 13.55
N GLN B 258 25.88 19.61 13.23
CA GLN B 258 25.28 20.75 13.90
C GLN B 258 24.69 20.45 15.28
N GLU B 259 24.62 19.19 15.72
CA GLU B 259 23.95 18.92 17.00
C GLU B 259 24.68 19.58 18.19
N CYS B 260 26.00 19.82 18.06
CA CYS B 260 26.77 20.43 19.15
CA CYS B 260 26.72 20.40 19.18
C CYS B 260 26.24 21.82 19.50
N LYS B 261 25.41 22.41 18.67
CA LYS B 261 24.81 23.70 18.99
C LYS B 261 23.55 23.55 19.84
N LEU B 262 23.12 22.32 20.15
CA LEU B 262 21.80 22.09 20.71
C LEU B 262 21.88 21.56 22.14
N LEU B 263 23.00 21.79 22.83
CA LEU B 263 23.24 21.24 24.16
C LEU B 263 22.66 22.18 25.21
N TYR B 264 21.34 22.28 25.18
CA TYR B 264 20.68 23.18 26.09
C TYR B 264 20.39 22.48 27.39
N SER B 265 20.07 23.26 28.41
CA SER B 265 19.99 22.68 29.73
C SER B 265 18.76 21.79 29.83
N ARG B 266 18.94 20.65 30.50
CA ARG B 266 17.88 19.73 30.88
C ARG B 266 17.94 19.48 32.40
N LYS B 267 18.02 20.56 33.17
CA LYS B 267 18.09 20.48 34.63
C LYS B 267 16.84 19.84 35.26
N GLU B 268 15.64 20.31 34.91
CA GLU B 268 14.45 19.80 35.57
C GLU B 268 14.39 18.27 35.46
N GLY B 269 14.64 17.72 34.28
CA GLY B 269 14.55 16.27 34.15
C GLY B 269 15.52 15.53 35.04
N GLN B 270 16.58 16.22 35.49
CA GLN B 270 17.61 15.55 36.27
C GLN B 270 17.36 15.65 37.76
N ARG B 271 16.35 16.37 38.20
CA ARG B 271 16.05 16.41 39.63
C ARG B 271 15.65 15.03 40.19
N GLN B 272 15.94 14.85 41.48
CA GLN B 272 15.62 13.59 42.15
C GLN B 272 14.13 13.29 42.07
N GLU B 273 13.29 14.27 42.36
CA GLU B 273 11.86 14.02 42.31
C GLU B 273 11.42 13.49 40.96
N ASN B 274 12.20 13.80 39.90
CA ASN B 274 11.78 13.56 38.52
C ASN B 274 12.46 12.37 37.87
N LYS B 275 13.60 11.94 38.41
CA LYS B 275 14.35 10.85 37.83
C LYS B 275 13.48 9.68 37.36
N ASN B 276 12.62 9.15 38.23
CA ASN B 276 11.88 7.95 37.90
C ASN B 276 10.68 8.19 36.97
N LYS B 277 10.54 9.42 36.49
CA LYS B 277 9.50 9.77 35.55
C LYS B 277 10.02 9.77 34.11
N ASN B 278 11.26 9.34 33.90
CA ASN B 278 11.86 9.31 32.56
C ASN B 278 12.01 7.86 32.17
N ARG B 279 11.55 7.51 30.96
CA ARG B 279 11.71 6.12 30.54
C ARG B 279 13.18 5.80 30.29
N TYR B 280 13.97 6.81 29.95
CA TYR B 280 15.41 6.68 29.79
C TYR B 280 16.04 7.82 30.56
N LYS B 281 16.85 7.48 31.59
CA LYS B 281 17.33 8.48 32.54
C LYS B 281 18.06 9.64 31.89
N ASN B 282 18.80 9.38 30.80
CA ASN B 282 19.55 10.46 30.18
C ASN B 282 18.86 11.08 28.99
N ILE B 283 17.64 10.67 28.66
CA ILE B 283 16.94 11.21 27.50
C ILE B 283 15.86 12.12 28.07
N LEU B 284 16.14 13.41 28.08
CA LEU B 284 15.39 14.37 28.89
C LEU B 284 14.94 15.55 28.05
N PRO B 285 13.90 16.25 28.49
CA PRO B 285 13.44 17.42 27.74
C PRO B 285 14.19 18.67 28.14
N PHE B 286 14.47 19.52 27.13
CA PHE B 286 15.02 20.84 27.35
C PHE B 286 14.14 21.61 28.32
N ASP B 287 14.77 22.22 29.33
CA ASP B 287 14.00 23.04 30.26
C ASP B 287 13.21 24.12 29.55
N HIS B 288 13.74 24.71 28.45
CA HIS B 288 13.11 25.92 27.93
C HIS B 288 11.92 25.64 27.01
N THR B 289 11.76 24.40 26.55
CA THR B 289 10.57 24.02 25.80
C THR B 289 9.74 22.92 26.46
N ARG B 290 10.12 22.44 27.65
CA ARG B 290 9.40 21.32 28.30
C ARG B 290 7.97 21.72 28.65
N VAL B 291 7.08 20.73 28.65
CA VAL B 291 5.72 20.98 29.09
C VAL B 291 5.68 21.02 30.62
N VAL B 292 5.20 22.12 31.19
CA VAL B 292 5.10 22.32 32.64
C VAL B 292 3.64 22.10 33.06
N LEU B 293 3.43 21.19 33.98
CA LEU B 293 2.10 20.89 34.46
C LEU B 293 1.75 21.79 35.65
N HIS B 294 0.72 22.60 35.49
CA HIS B 294 0.20 23.48 36.54
C HIS B 294 -0.89 22.79 37.34
N ASP B 295 -1.43 23.50 38.31
CA ASP B 295 -2.50 22.95 39.15
C ASP B 295 -2.09 21.65 39.85
N VAL B 302 7.64 17.94 43.69
CA VAL B 302 7.40 18.51 42.38
C VAL B 302 6.24 17.80 41.67
N SER B 303 5.27 18.58 41.24
CA SER B 303 4.12 18.06 40.50
C SER B 303 4.08 18.60 39.08
N ASP B 304 5.15 19.27 38.62
CA ASP B 304 5.09 20.04 37.39
C ASP B 304 5.78 19.37 36.21
N TYR B 305 6.26 18.14 36.35
CA TYR B 305 7.21 17.56 35.41
C TYR B 305 6.62 16.41 34.60
N ILE B 306 6.86 16.45 33.28
CA ILE B 306 6.62 15.31 32.41
C ILE B 306 7.69 15.36 31.34
N ASN B 307 8.11 14.19 30.88
CA ASN B 307 9.11 14.16 29.81
C ASN B 307 8.41 14.39 28.46
N ALA B 308 8.39 15.65 28.04
CA ALA B 308 7.67 16.07 26.84
C ALA B 308 8.05 17.52 26.57
N ASN B 309 8.08 17.87 25.29
CA ASN B 309 8.38 19.24 24.86
C ASN B 309 7.34 19.77 23.88
N ILE B 310 7.04 21.06 24.01
CA ILE B 310 6.30 21.72 22.95
C ILE B 310 7.18 21.78 21.71
N ILE B 311 6.62 21.38 20.55
CA ILE B 311 7.29 21.51 19.25
C ILE B 311 6.48 22.45 18.34
N MET B 312 7.08 23.58 17.95
CA MET B 312 6.36 24.45 17.02
C MET B 312 7.24 24.76 15.81
N PRO B 313 6.71 24.66 14.59
CA PRO B 313 7.47 24.92 13.35
C PRO B 313 7.77 26.39 13.16
N LYS B 325 0.20 25.83 11.01
CA LYS B 325 -0.39 26.47 12.19
C LYS B 325 -0.34 25.49 13.38
N LYS B 326 -0.28 24.21 13.03
CA LYS B 326 -0.31 23.10 13.99
C LYS B 326 0.92 23.09 14.90
N SER B 327 0.74 22.94 16.21
CA SER B 327 1.92 22.68 17.02
C SER B 327 1.84 21.24 17.54
N TYR B 328 2.94 20.76 18.10
CA TYR B 328 2.98 19.39 18.59
C TYR B 328 3.53 19.36 20.01
N ILE B 329 3.19 18.30 20.72
CA ILE B 329 3.94 17.88 21.91
C ILE B 329 4.64 16.61 21.55
N ALA B 330 5.95 16.59 21.70
CA ALA B 330 6.71 15.35 21.54
C ALA B 330 6.99 14.76 22.92
N THR B 331 6.63 13.50 23.14
CA THR B 331 6.73 12.93 24.49
C THR B 331 7.07 11.46 24.39
N GLN B 332 7.47 10.87 25.52
CA GLN B 332 7.85 9.46 25.60
C GLN B 332 6.61 8.58 25.81
N GLY B 333 6.79 7.28 25.67
CA GLY B 333 5.71 6.35 26.01
C GLY B 333 5.53 6.31 27.51
N CYS B 334 4.28 6.35 27.96
CA CYS B 334 3.98 6.42 29.39
C CYS B 334 4.64 5.29 30.15
N LEU B 335 5.09 5.62 31.36
CA LEU B 335 5.34 4.60 32.38
C LEU B 335 4.13 4.46 33.26
N GLN B 336 4.08 3.34 34.01
CA GLN B 336 2.97 3.16 34.95
C GLN B 336 2.82 4.38 35.85
N ASN B 337 3.94 4.93 36.31
CA ASN B 337 3.89 6.03 37.26
C ASN B 337 3.76 7.40 36.62
N THR B 338 3.68 7.50 35.27
CA THR B 338 3.41 8.80 34.65
C THR B 338 2.09 8.85 33.87
N VAL B 339 1.26 7.80 33.91
CA VAL B 339 0.00 7.82 33.17
C VAL B 339 -0.88 8.98 33.62
N ASN B 340 -0.98 9.22 34.94
CA ASN B 340 -1.77 10.35 35.42
C ASN B 340 -1.19 11.69 34.95
N ASP B 341 0.12 11.81 34.92
CA ASP B 341 0.69 13.06 34.43
C ASP B 341 0.39 13.22 32.94
N PHE B 342 0.48 12.14 32.18
CA PHE B 342 0.17 12.22 30.76
C PHE B 342 -1.20 12.83 30.55
N TRP B 343 -2.21 12.39 31.33
CA TRP B 343 -3.54 12.90 31.08
C TRP B 343 -3.74 14.35 31.57
N ARG B 344 -3.12 14.76 32.70
CA ARG B 344 -3.04 16.19 33.03
C ARG B 344 -2.49 16.96 31.84
N MET B 345 -1.45 16.44 31.21
CA MET B 345 -0.87 17.20 30.11
C MET B 345 -1.88 17.35 29.00
N VAL B 346 -2.50 16.26 28.62
CA VAL B 346 -3.46 16.32 27.51
C VAL B 346 -4.57 17.31 27.83
N PHE B 347 -5.07 17.26 29.05
CA PHE B 347 -6.16 18.15 29.44
C PHE B 347 -5.71 19.60 29.44
N GLN B 348 -4.58 19.88 30.09
CA GLN B 348 -4.15 21.27 30.26
C GLN B 348 -3.80 21.91 28.93
N GLU B 349 -3.29 21.13 27.99
CA GLU B 349 -2.89 21.73 26.74
C GLU B 349 -4.03 21.76 25.75
N ASN B 350 -5.19 21.25 26.13
CA ASN B 350 -6.34 21.28 25.22
C ASN B 350 -6.13 20.43 23.98
N SER B 351 -5.21 19.46 24.05
CA SER B 351 -4.94 18.57 22.93
C SER B 351 -6.13 17.65 22.67
N ARG B 352 -6.39 17.46 21.40
CA ARG B 352 -7.54 16.67 21.00
C ARG B 352 -7.13 15.48 20.17
N VAL B 353 -5.84 15.31 19.91
CA VAL B 353 -5.38 14.25 19.05
C VAL B 353 -4.07 13.77 19.58
N ILE B 354 -3.95 12.45 19.72
CA ILE B 354 -2.76 11.73 20.16
C ILE B 354 -2.37 10.79 19.03
N VAL B 355 -1.07 10.79 18.71
CA VAL B 355 -0.48 9.93 17.71
C VAL B 355 0.49 9.02 18.43
N MET B 356 0.27 7.72 18.32
CA MET B 356 1.09 6.77 19.05
C MET B 356 1.73 5.86 18.02
N THR B 357 3.05 5.82 18.01
CA THR B 357 3.78 5.20 16.91
C THR B 357 4.58 4.00 17.37
N THR B 358 4.08 3.29 18.36
CA THR B 358 4.73 2.10 18.84
C THR B 358 3.64 1.12 19.29
N LYS B 359 3.91 -0.18 19.18
CA LYS B 359 3.15 -1.13 19.98
C LYS B 359 3.50 -0.90 21.44
N GLU B 360 2.69 -1.46 22.36
CA GLU B 360 3.04 -1.41 23.79
C GLU B 360 4.27 -2.26 24.09
N VAL B 361 4.41 -3.38 23.39
CA VAL B 361 5.55 -4.28 23.53
C VAL B 361 6.10 -4.57 22.15
N GLU B 362 7.42 -4.43 21.98
CA GLU B 362 8.07 -4.73 20.73
C GLU B 362 9.36 -5.49 21.02
N ARG B 363 9.55 -6.61 20.34
CA ARG B 363 10.72 -7.48 20.56
C ARG B 363 10.80 -7.95 22.00
N GLY B 364 9.64 -8.15 22.63
CA GLY B 364 9.58 -8.55 24.01
C GLY B 364 9.70 -7.41 25.01
N LYS B 365 10.32 -6.30 24.61
CA LYS B 365 10.50 -5.15 25.49
C LYS B 365 9.21 -4.32 25.59
N SER B 366 9.07 -3.63 26.73
CA SER B 366 7.94 -2.74 26.95
C SER B 366 8.37 -1.35 26.47
N LYS B 367 7.51 -0.75 25.64
CA LYS B 367 7.76 0.58 25.11
C LYS B 367 6.77 1.59 25.66
N CYS B 368 5.62 1.14 26.15
CA CYS B 368 4.61 2.10 26.52
C CYS B 368 3.52 1.31 27.20
N VAL B 369 3.13 1.75 28.39
CA VAL B 369 2.07 1.08 29.12
C VAL B 369 0.72 1.50 28.56
N LYS B 370 -0.27 0.67 28.74
CA LYS B 370 -1.61 0.99 28.29
C LYS B 370 -2.17 2.12 29.16
N TYR B 371 -2.28 3.33 28.61
CA TYR B 371 -2.80 4.51 29.31
C TYR B 371 -4.22 4.87 28.89
N TRP B 372 -4.85 4.06 28.08
CA TRP B 372 -6.23 4.27 27.70
C TRP B 372 -7.03 3.06 28.15
N PRO B 373 -8.33 3.21 28.32
CA PRO B 373 -9.18 2.09 28.70
C PRO B 373 -9.53 1.20 27.52
N ASP B 374 -9.98 0.00 27.86
CA ASP B 374 -10.55 -0.89 26.84
C ASP B 374 -11.75 -0.21 26.20
N GLU B 375 -12.06 -0.65 24.99
CA GLU B 375 -13.25 -0.14 24.32
C GLU B 375 -14.48 -0.25 25.19
N TYR B 376 -15.27 0.83 25.23
CA TYR B 376 -16.52 0.99 25.96
C TYR B 376 -16.31 1.17 27.48
N ALA B 377 -15.09 1.01 28.02
CA ALA B 377 -14.82 1.14 29.45
C ALA B 377 -14.48 2.58 29.87
N LEU B 378 -14.62 2.83 31.17
CA LEU B 378 -14.34 4.13 31.76
C LEU B 378 -13.33 3.99 32.89
N LYS B 379 -12.35 4.88 32.94
CA LYS B 379 -11.29 4.72 33.90
C LYS B 379 -10.90 6.10 34.41
N GLU B 380 -10.56 6.14 35.69
CA GLU B 380 -10.09 7.37 36.32
C GLU B 380 -8.59 7.23 36.43
N TYR B 381 -7.88 8.29 36.05
CA TYR B 381 -6.43 8.30 36.11
C TYR B 381 -6.11 9.51 36.99
N GLY B 382 -6.11 9.29 38.30
CA GLY B 382 -5.95 10.43 39.16
C GLY B 382 -7.16 11.34 38.99
N VAL B 383 -6.93 12.65 38.77
CA VAL B 383 -8.04 13.61 38.70
C VAL B 383 -8.76 13.58 37.33
N MET B 384 -8.26 12.80 36.38
CA MET B 384 -8.85 12.74 35.06
C MET B 384 -9.61 11.42 34.87
N ARG B 385 -10.69 11.51 34.12
CA ARG B 385 -11.52 10.37 33.77
C ARG B 385 -11.48 10.24 32.26
N VAL B 386 -11.28 9.02 31.78
CA VAL B 386 -11.31 8.76 30.33
C VAL B 386 -12.23 7.60 30.04
N ARG B 387 -13.15 7.82 29.11
CA ARG B 387 -13.95 6.75 28.53
C ARG B 387 -13.49 6.49 27.10
N ASN B 388 -13.20 5.23 26.80
CA ASN B 388 -12.99 4.80 25.42
C ASN B 388 -14.36 4.58 24.78
N VAL B 389 -14.74 5.49 23.87
CA VAL B 389 -16.10 5.54 23.32
C VAL B 389 -16.28 4.49 22.25
N LYS B 390 -15.31 4.39 21.34
CA LYS B 390 -15.38 3.44 20.22
C LYS B 390 -14.00 3.33 19.59
N GLU B 391 -13.62 2.12 19.21
CA GLU B 391 -12.41 1.85 18.45
C GLU B 391 -12.77 1.47 17.03
N SER B 392 -12.05 2.05 16.05
CA SER B 392 -12.20 1.73 14.62
C SER B 392 -10.85 1.28 14.07
N ALA B 393 -10.82 0.15 13.36
CA ALA B 393 -9.57 -0.48 13.01
C ALA B 393 -9.36 -0.40 11.51
N ALA B 394 -8.14 -0.06 11.12
CA ALA B 394 -7.63 -0.07 9.76
C ALA B 394 -6.49 -1.07 9.75
N HIS B 395 -5.84 -1.22 8.60
CA HIS B 395 -4.70 -2.14 8.61
C HIS B 395 -3.53 -1.56 9.39
N ASP B 396 -3.13 -0.32 9.08
CA ASP B 396 -1.93 0.23 9.71
C ASP B 396 -2.15 0.81 11.12
N TYR B 397 -3.40 1.12 11.52
CA TYR B 397 -3.61 1.81 12.78
C TYR B 397 -5.00 1.53 13.34
N THR B 398 -5.13 1.78 14.63
CA THR B 398 -6.44 1.80 15.29
C THR B 398 -6.70 3.23 15.70
N LEU B 399 -7.96 3.64 15.57
CA LEU B 399 -8.44 4.94 16.00
C LEU B 399 -9.34 4.71 17.22
N ARG B 400 -9.00 5.39 18.32
CA ARG B 400 -9.72 5.27 19.58
C ARG B 400 -10.37 6.61 19.91
N GLU B 401 -11.68 6.62 20.02
CA GLU B 401 -12.38 7.85 20.36
C GLU B 401 -12.52 7.88 21.87
N LEU B 402 -11.85 8.83 22.54
CA LEU B 402 -11.83 8.88 23.99
C LEU B 402 -12.41 10.21 24.50
N LYS B 403 -13.24 10.12 25.55
CA LYS B 403 -13.81 11.31 26.19
C LYS B 403 -13.02 11.58 27.46
N LEU B 404 -12.50 12.79 27.59
CA LEU B 404 -11.58 13.11 28.67
C LEU B 404 -12.24 14.20 29.47
N SER B 405 -12.36 14.01 30.78
CA SER B 405 -12.83 15.08 31.65
C SER B 405 -12.15 15.02 33.02
N LYS B 406 -12.19 16.13 33.76
CA LYS B 406 -11.73 16.13 35.15
C LYS B 406 -12.85 15.62 36.05
N VAL B 407 -12.52 14.67 36.94
CA VAL B 407 -13.50 14.18 37.92
C VAL B 407 -14.03 15.35 38.73
N GLY B 408 -15.33 15.30 39.03
CA GLY B 408 -16.01 16.33 39.80
C GLY B 408 -16.58 17.48 38.99
N GLN B 409 -16.34 17.50 37.68
CA GLN B 409 -16.93 18.47 36.79
C GLN B 409 -17.47 17.73 35.56
N GLY B 410 -18.48 18.32 34.93
CA GLY B 410 -19.08 17.70 33.75
C GLY B 410 -18.85 18.57 32.54
N ASN B 411 -18.69 19.85 32.79
CA ASN B 411 -18.53 20.85 31.75
C ASN B 411 -17.11 20.92 31.21
N THR B 412 -16.21 20.02 31.64
CA THR B 412 -14.84 19.99 31.14
C THR B 412 -14.61 18.94 30.06
N GLU B 413 -15.62 18.16 29.69
CA GLU B 413 -15.36 17.05 28.78
C GLU B 413 -15.00 17.52 27.36
N ARG B 414 -14.02 16.85 26.75
CA ARG B 414 -13.74 17.02 25.34
C ARG B 414 -13.31 15.68 24.78
N THR B 415 -13.48 15.53 23.47
CA THR B 415 -13.10 14.27 22.83
C THR B 415 -11.64 14.35 22.41
N VAL B 416 -10.94 13.26 22.58
CA VAL B 416 -9.52 13.16 22.25
C VAL B 416 -9.44 11.94 21.35
N TRP B 417 -8.91 12.13 20.13
CA TRP B 417 -8.81 11.05 19.16
C TRP B 417 -7.39 10.50 19.20
N GLN B 418 -7.27 9.20 19.45
CA GLN B 418 -5.99 8.53 19.59
C GLN B 418 -5.77 7.67 18.36
N TYR B 419 -4.78 8.05 17.57
CA TYR B 419 -4.37 7.36 16.35
C TYR B 419 -3.18 6.47 16.69
N HIS B 420 -3.41 5.17 16.77
CA HIS B 420 -2.37 4.25 17.23
C HIS B 420 -1.82 3.52 16.00
N PHE B 421 -0.67 4.00 15.51
CA PHE B 421 -0.05 3.39 14.34
C PHE B 421 0.67 2.10 14.75
N ARG B 422 0.27 0.96 14.17
CA ARG B 422 0.71 -0.34 14.66
C ARG B 422 1.70 -1.09 13.76
N THR B 423 1.90 -0.67 12.52
CA THR B 423 2.68 -1.49 11.61
C THR B 423 4.12 -1.02 11.44
N TRP B 424 4.58 -0.05 12.21
CA TRP B 424 5.99 0.33 12.09
C TRP B 424 6.88 -0.89 12.32
N PRO B 425 7.90 -1.11 11.49
CA PRO B 425 8.71 -2.32 11.63
C PRO B 425 9.57 -2.28 12.88
N ASP B 426 9.94 -3.48 13.35
CA ASP B 426 10.68 -3.58 14.61
C ASP B 426 12.05 -2.94 14.47
N HIS B 427 12.71 -3.16 13.33
CA HIS B 427 13.98 -2.51 13.04
C HIS B 427 13.89 -1.77 11.71
N GLY B 428 14.49 -0.59 11.65
CA GLY B 428 14.57 0.14 10.40
C GLY B 428 13.33 1.00 10.20
N VAL B 429 13.01 1.32 8.95
CA VAL B 429 11.87 2.15 8.61
C VAL B 429 11.03 1.35 7.63
N PRO B 430 9.77 1.74 7.40
CA PRO B 430 8.97 1.05 6.37
C PRO B 430 9.59 1.24 4.99
N SER B 431 9.45 0.22 4.13
CA SER B 431 9.90 0.33 2.75
C SER B 431 9.02 1.24 1.90
N ASP B 432 7.79 1.52 2.32
CA ASP B 432 6.90 2.36 1.55
C ASP B 432 6.27 3.39 2.47
N PRO B 433 6.32 4.67 2.12
CA PRO B 433 5.71 5.70 2.95
C PRO B 433 4.20 5.83 2.81
N GLY B 434 3.54 5.05 1.94
CA GLY B 434 2.11 5.23 1.70
C GLY B 434 1.27 5.20 2.97
N GLY B 435 1.47 4.15 3.80
CA GLY B 435 0.71 4.02 5.03
C GLY B 435 0.95 5.14 6.02
N VAL B 436 2.22 5.53 6.22
CA VAL B 436 2.51 6.70 7.04
C VAL B 436 1.76 7.92 6.54
N LEU B 437 1.83 8.18 5.22
CA LEU B 437 1.20 9.36 4.63
C LEU B 437 -0.31 9.32 4.74
N ASP B 438 -0.91 8.15 4.49
CA ASP B 438 -2.36 8.08 4.64
C ASP B 438 -2.75 8.30 6.10
N PHE B 439 -1.92 7.81 7.02
CA PHE B 439 -2.10 8.04 8.45
C PHE B 439 -2.06 9.52 8.77
N LEU B 440 -0.97 10.20 8.42
CA LEU B 440 -0.86 11.62 8.75
C LEU B 440 -1.97 12.43 8.12
N GLU B 441 -2.39 12.06 6.90
CA GLU B 441 -3.47 12.79 6.25
C GLU B 441 -4.74 12.75 7.08
N GLU B 442 -5.06 11.58 7.66
CA GLU B 442 -6.25 11.45 8.50
C GLU B 442 -6.10 12.25 9.78
N VAL B 443 -4.95 12.11 10.44
CA VAL B 443 -4.65 12.89 11.64
C VAL B 443 -4.80 14.38 11.35
N HIS B 444 -4.18 14.84 10.27
CA HIS B 444 -4.25 16.26 9.94
C HIS B 444 -5.70 16.71 9.76
N HIS B 445 -6.51 15.90 9.08
CA HIS B 445 -7.88 16.34 8.82
C HIS B 445 -8.71 16.33 10.10
N LYS B 446 -8.52 15.31 10.96
CA LYS B 446 -9.14 15.34 12.30
C LYS B 446 -8.83 16.65 13.02
N GLN B 447 -7.55 17.05 13.06
CA GLN B 447 -7.15 18.24 13.83
C GLN B 447 -7.80 19.49 13.26
N GLU B 448 -7.75 19.59 11.94
CA GLU B 448 -8.38 20.71 11.25
C GLU B 448 -9.85 20.83 11.60
N SER B 449 -10.52 19.73 11.87
CA SER B 449 -11.96 19.77 12.06
C SER B 449 -12.38 20.22 13.47
N ILE B 450 -11.46 20.29 14.45
CA ILE B 450 -11.83 20.62 15.83
C ILE B 450 -11.45 22.07 16.10
N MET B 451 -12.43 22.89 16.45
CA MET B 451 -12.13 24.29 16.59
C MET B 451 -11.32 24.53 17.85
N ASP B 452 -10.19 25.23 17.72
CA ASP B 452 -9.35 25.59 18.87
C ASP B 452 -8.73 24.37 19.55
N ALA B 453 -8.48 23.29 18.83
CA ALA B 453 -7.74 22.18 19.40
C ALA B 453 -6.29 22.59 19.71
N GLY B 454 -5.75 22.06 20.80
CA GLY B 454 -4.38 22.34 21.19
C GLY B 454 -3.38 21.55 20.36
N PRO B 455 -2.11 21.52 20.80
CA PRO B 455 -1.07 20.83 20.03
C PRO B 455 -1.40 19.36 19.88
N VAL B 456 -0.98 18.79 18.77
CA VAL B 456 -1.14 17.36 18.58
C VAL B 456 -0.07 16.63 19.39
N VAL B 457 -0.50 15.68 20.23
CA VAL B 457 0.43 14.86 21.04
C VAL B 457 0.98 13.70 20.20
N VAL B 458 2.31 13.55 20.18
CA VAL B 458 2.93 12.47 19.41
C VAL B 458 3.95 11.76 20.28
N HIS B 459 3.90 10.43 20.30
CA HIS B 459 4.86 9.71 21.15
C HIS B 459 5.18 8.37 20.53
N CYS B 460 6.40 7.88 20.82
CA CYS B 460 6.79 6.49 20.60
C CYS B 460 7.27 5.91 21.93
N SER B 461 8.55 5.53 22.01
CA SER B 461 9.16 4.93 23.19
C SER B 461 9.95 5.99 23.93
N ALA B 462 11.09 6.39 23.38
CA ALA B 462 11.79 7.54 23.95
C ALA B 462 11.23 8.86 23.43
N GLY B 463 10.38 8.82 22.41
CA GLY B 463 9.81 10.03 21.87
C GLY B 463 10.78 10.94 21.17
N ILE B 464 11.86 10.39 20.59
CA ILE B 464 12.72 11.20 19.71
C ILE B 464 12.92 10.61 18.32
N GLY B 465 12.99 9.27 18.16
CA GLY B 465 13.30 8.72 16.83
C GLY B 465 12.11 8.69 15.88
N ARG B 466 11.24 7.71 16.08
CA ARG B 466 10.00 7.66 15.32
C ARG B 466 9.18 8.93 15.53
N THR B 467 9.09 9.41 16.75
CA THR B 467 8.30 10.61 16.99
C THR B 467 8.83 11.76 16.18
N GLY B 468 10.14 11.95 16.17
CA GLY B 468 10.70 13.08 15.45
C GLY B 468 10.47 12.92 13.97
N THR B 469 10.52 11.67 13.50
CA THR B 469 10.32 11.40 12.08
C THR B 469 8.88 11.71 11.64
N PHE B 470 7.88 11.26 12.44
CA PHE B 470 6.49 11.65 12.14
C PHE B 470 6.30 13.15 12.13
N ILE B 471 6.73 13.85 13.19
CA ILE B 471 6.51 15.30 13.25
C ILE B 471 7.15 16.02 12.06
N VAL B 472 8.39 15.67 11.70
CA VAL B 472 9.03 16.37 10.59
C VAL B 472 8.29 16.12 9.28
N ILE B 473 7.97 14.85 8.98
CA ILE B 473 7.17 14.57 7.80
C ILE B 473 5.90 15.39 7.83
N ASP B 474 5.27 15.47 8.99
CA ASP B 474 4.03 16.24 9.04
C ASP B 474 4.28 17.71 8.79
N ILE B 475 5.42 18.22 9.24
CA ILE B 475 5.70 19.63 9.05
C ILE B 475 5.84 19.93 7.57
N LEU B 476 6.49 19.02 6.85
CA LEU B 476 6.89 19.28 5.47
C LEU B 476 5.69 19.18 4.53
N ILE B 477 4.89 18.12 4.69
CA ILE B 477 3.68 18.05 3.88
C ILE B 477 2.76 19.20 4.22
N ASP B 478 2.76 19.68 5.46
CA ASP B 478 1.94 20.85 5.77
C ASP B 478 2.22 22.03 4.83
N ILE B 479 3.48 22.42 4.72
CA ILE B 479 3.87 23.43 3.75
C ILE B 479 3.32 23.08 2.36
N ILE B 480 3.57 21.86 1.90
CA ILE B 480 3.17 21.54 0.54
C ILE B 480 1.65 21.58 0.39
N ARG B 481 0.92 21.03 1.37
CA ARG B 481 -0.55 21.00 1.30
C ARG B 481 -1.14 22.40 1.20
N GLU B 482 -0.47 23.39 1.78
CA GLU B 482 -0.97 24.75 1.71
C GLU B 482 -0.50 25.49 0.46
N LYS B 483 0.81 25.45 0.17
CA LYS B 483 1.41 26.22 -0.93
C LYS B 483 1.56 25.41 -2.20
N GLY B 484 1.08 24.17 -2.23
CA GLY B 484 1.22 23.39 -3.44
C GLY B 484 2.69 23.11 -3.77
N VAL B 485 2.88 22.52 -4.95
CA VAL B 485 4.22 22.11 -5.39
C VAL B 485 5.14 23.30 -5.57
N ASP B 486 4.61 24.49 -5.78
CA ASP B 486 5.46 25.66 -5.99
CA ASP B 486 5.44 25.68 -5.99
C ASP B 486 5.81 26.30 -4.64
N CYS B 487 6.69 25.61 -3.90
CA CYS B 487 7.12 26.08 -2.59
C CYS B 487 8.50 25.51 -2.28
N ASP B 488 9.21 26.22 -1.41
CA ASP B 488 10.54 25.81 -0.97
C ASP B 488 10.44 24.87 0.22
N ILE B 489 11.41 23.99 0.32
CA ILE B 489 11.45 23.00 1.39
C ILE B 489 12.90 22.74 1.70
N ASP B 490 13.19 22.52 2.97
CA ASP B 490 14.57 22.38 3.44
C ASP B 490 14.54 21.35 4.56
N VAL B 491 14.82 20.10 4.19
CA VAL B 491 14.73 19.00 5.15
C VAL B 491 15.71 19.15 6.31
N PRO B 492 17.00 19.37 6.09
CA PRO B 492 17.91 19.57 7.23
C PRO B 492 17.52 20.78 8.08
N LYS B 493 17.11 21.86 7.44
CA LYS B 493 16.82 23.04 8.24
C LYS B 493 15.65 22.75 9.19
N THR B 494 14.65 22.01 8.69
CA THR B 494 13.45 21.75 9.47
C THR B 494 13.77 20.84 10.66
N ILE B 495 14.60 19.81 10.41
CA ILE B 495 15.01 18.88 11.45
C ILE B 495 15.82 19.60 12.52
N GLN B 496 16.83 20.38 12.12
CA GLN B 496 17.59 21.12 13.13
C GLN B 496 16.67 22.02 13.94
N MET B 497 15.67 22.63 13.28
CA MET B 497 14.71 23.47 13.97
C MET B 497 13.90 22.66 15.00
N VAL B 498 13.52 21.44 14.67
CA VAL B 498 12.82 20.59 15.63
C VAL B 498 13.77 20.12 16.73
N ARG B 499 14.99 19.70 16.36
CA ARG B 499 15.99 19.31 17.35
C ARG B 499 16.37 20.44 18.30
N SER B 500 16.07 21.69 17.94
CA SER B 500 16.34 22.72 18.93
C SER B 500 15.27 22.74 20.01
N GLN B 501 14.17 22.00 19.85
CA GLN B 501 13.10 21.98 20.85
C GLN B 501 12.97 20.65 21.57
N ARG B 502 13.61 19.58 21.08
CA ARG B 502 13.68 18.36 21.90
C ARG B 502 14.87 17.58 21.39
N SER B 503 15.68 17.07 22.31
CA SER B 503 16.94 16.42 21.94
C SER B 503 16.76 15.31 20.92
N GLY B 504 17.66 15.25 19.94
CA GLY B 504 17.77 14.09 19.07
C GLY B 504 16.58 13.78 18.19
N MET B 505 15.75 14.76 17.92
CA MET B 505 14.57 14.58 17.09
C MET B 505 15.01 14.08 15.72
N VAL B 506 14.63 12.86 15.36
CA VAL B 506 15.08 12.15 14.16
C VAL B 506 16.44 11.54 14.48
N GLN B 507 16.46 10.22 14.56
CA GLN B 507 17.61 9.49 15.08
C GLN B 507 18.57 8.98 14.02
N THR B 508 18.11 8.55 12.85
CA THR B 508 18.97 7.75 11.99
C THR B 508 18.94 8.32 10.59
N GLU B 509 19.99 7.96 9.83
CA GLU B 509 20.04 8.22 8.41
C GLU B 509 18.91 7.46 7.68
N ALA B 510 18.61 6.24 8.09
CA ALA B 510 17.44 5.54 7.55
C ALA B 510 16.17 6.39 7.67
N GLN B 511 15.92 6.94 8.86
CA GLN B 511 14.78 7.83 9.03
C GLN B 511 14.92 9.11 8.19
N TYR B 512 16.12 9.70 8.17
CA TYR B 512 16.35 10.85 7.29
C TYR B 512 15.89 10.54 5.87
N ARG B 513 16.31 9.39 5.32
CA ARG B 513 15.94 9.09 3.93
C ARG B 513 14.45 8.88 3.82
N PHE B 514 13.86 8.26 4.85
CA PHE B 514 12.44 7.96 4.83
C PHE B 514 11.61 9.24 4.83
N ILE B 515 12.11 10.33 5.42
CA ILE B 515 11.42 11.61 5.36
C ILE B 515 11.44 12.14 3.91
N TYR B 516 12.62 12.11 3.27
CA TYR B 516 12.70 12.47 1.86
C TYR B 516 11.76 11.63 1.01
N MET B 517 11.83 10.30 1.14
CA MET B 517 10.93 9.41 0.40
C MET B 517 9.45 9.74 0.61
N ALA B 518 9.04 10.07 1.85
CA ALA B 518 7.62 10.35 2.07
C ALA B 518 7.21 11.66 1.44
N VAL B 519 8.04 12.69 1.55
CA VAL B 519 7.73 13.98 0.96
C VAL B 519 7.68 13.85 -0.55
N GLN B 520 8.52 12.98 -1.11
CA GLN B 520 8.47 12.74 -2.54
C GLN B 520 7.16 12.07 -2.92
N HIS B 521 6.75 11.05 -2.15
CA HIS B 521 5.52 10.34 -2.49
C HIS B 521 4.30 11.24 -2.35
N TYR B 522 4.31 12.15 -1.37
CA TYR B 522 3.21 13.11 -1.25
C TYR B 522 3.20 14.04 -2.46
N ILE B 523 4.37 14.40 -2.96
CA ILE B 523 4.45 15.31 -4.09
C ILE B 523 3.81 14.65 -5.32
N GLU B 524 4.16 13.38 -5.56
CA GLU B 524 3.70 12.61 -6.72
C GLU B 524 2.19 12.30 -6.69
N THR B 525 1.52 12.44 -5.55
CA THR B 525 0.07 12.29 -5.50
C THR B 525 -0.66 13.62 -5.67
N LEU B 526 0.07 14.73 -5.77
CA LEU B 526 -0.57 16.01 -5.95
C LEU B 526 -0.61 16.45 -7.41
C10 ZH5 C . -26.00 -15.94 -25.93
C13 ZH5 C . -24.33 -16.38 -22.65
C15 ZH5 C . -22.65 -18.51 -23.64
C17 ZH5 C . -21.57 -18.52 -25.81
C20 ZH5 C . -22.26 -19.86 -23.46
C24 ZH5 C . -25.60 -14.69 -23.60
C01 ZH5 C . -30.25 -12.11 -27.92
C02 ZH5 C . -29.97 -12.67 -26.51
C04 ZH5 C . -29.76 -14.21 -26.63
C05 ZH5 C . -28.43 -14.59 -27.26
C07 ZH5 C . -27.37 -12.48 -26.52
C08 ZH5 C . -28.69 -12.00 -25.91
C09 ZH5 C . -26.56 -14.60 -25.64
C12 ZH5 C . -25.06 -16.04 -23.89
C16 ZH5 C . -22.30 -17.86 -24.83
C18 ZH5 C . -21.18 -19.85 -25.60
C19 ZH5 C . -21.51 -20.53 -24.44
N03 ZH5 C . -31.15 -12.39 -25.67
N06 ZH5 C . -27.28 -13.93 -26.65
N11 ZH5 C . -25.27 -16.66 -25.08
N22 ZH5 C . -24.50 -15.34 -21.78
N23 ZH5 C . -25.20 -14.32 -22.31
N25 ZH5 C . -26.36 -13.97 -24.47
S14 ZH5 C . -23.53 -17.84 -22.36
CL21 ZH5 C . -22.69 -20.67 -22.02
H101 ZH5 C . -26.17 -16.33 -26.75
H171 ZH5 C . -21.34 -18.08 -26.59
H013 ZH5 C . -30.36 -11.18 -27.89
H012 ZH5 C . -31.03 -12.50 -28.28
H011 ZH5 C . -29.53 -12.31 -28.50
H041 ZH5 C . -30.45 -14.58 -27.15
H042 ZH5 C . -29.80 -14.59 -25.77
H051 ZH5 C . -28.43 -14.37 -28.18
H052 ZH5 C . -28.29 -15.51 -27.20
H072 ZH5 C . -26.65 -12.21 -26.00
H071 ZH5 C . -27.26 -12.13 -27.38
H082 ZH5 C . -28.66 -12.17 -24.99
H081 ZH5 C . -28.74 -11.07 -26.02
H161 ZH5 C . -22.56 -16.97 -24.97
H181 ZH5 C . -20.69 -20.29 -26.26
H191 ZH5 C . -21.25 -21.41 -24.31
H1 ZH5 C . -31.87 -12.75 -26.02
H032 ZH5 C . -31.27 -11.53 -25.59
H231 ZH5 C . -25.61 -13.75 -21.79
C10 ZH5 D . 24.70 22.02 4.44
C13 ZH5 D . 22.60 21.01 7.32
C15 ZH5 D . 21.58 23.25 8.16
C17 ZH5 D . 20.09 24.41 6.56
C20 ZH5 D . 21.33 24.31 9.07
C24 ZH5 D . 22.92 20.17 5.15
C01 ZH5 D . 27.83 20.05 0.01
C02 ZH5 D . 27.73 20.02 1.56
C04 ZH5 D . 27.43 21.44 2.11
C05 ZH5 D . 25.98 21.92 1.99
C07 ZH5 D . 25.17 19.61 1.63
C08 ZH5 D . 26.57 19.06 1.94
C09 ZH5 D . 24.31 20.96 3.49
C12 ZH5 D . 23.33 21.25 6.07
C16 ZH5 D . 20.94 23.34 6.90
C18 ZH5 D . 19.87 25.44 7.49
C19 ZH5 D . 20.48 25.40 8.75
N03 ZH5 D . 29.01 19.54 2.11
N06 ZH5 D . 24.90 20.94 2.18
N11 ZH5 D . 24.24 22.17 5.68
N22 ZH5 D . 21.84 19.92 7.12
N23 ZH5 D . 21.98 19.41 5.88
N25 ZH5 D . 23.39 20.02 3.86
S14 ZH5 D . 22.67 22.01 8.67
CL21 ZH5 D . 22.06 24.26 10.60
H101 ZH5 D . 25.34 22.65 4.18
H171 ZH5 D . 19.69 24.44 5.72
H013 ZH5 D . 27.97 19.19 -0.32
H012 ZH5 D . 28.54 20.60 -0.27
H011 ZH5 D . 27.03 20.38 -0.36
H041 ZH5 D . 27.97 22.07 1.65
H042 ZH5 D . 27.66 21.48 3.02
H051 ZH5 D . 25.84 22.28 1.13
H052 ZH5 D . 25.82 22.60 2.61
H072 ZH5 D . 24.51 19.04 1.96
H071 ZH5 D . 25.05 19.68 0.70
H082 ZH5 D . 26.61 18.86 2.86
H081 ZH5 D . 26.67 18.24 1.47
H161 ZH5 D . 21.06 22.66 6.26
H181 ZH5 D . 19.30 26.16 7.28
H191 ZH5 D . 20.33 26.07 9.38
H1 ZH5 D . 29.66 20.09 1.92
H032 ZH5 D . 29.22 18.76 1.75
H231 ZH5 D . 21.35 18.93 5.54
#